data_1UWU
#
_entry.id   1UWU
#
_cell.length_a   168.036
_cell.length_b   168.036
_cell.length_c   95.742
_cell.angle_alpha   90.00
_cell.angle_beta   90.00
_cell.angle_gamma   120.00
#
_symmetry.space_group_name_H-M   'P 31 2 1'
#
loop_
_entity.id
_entity.type
_entity.pdbx_description
1 polymer BETA-GALACTOSIDASE
2 non-polymer (2S,3S,4R,5R)-6-(HYDROXYAMINO)-2-(HYDROXYMETHYL)-2,3,4,5-TETRAHYDROPYRIDINE-3,4,5-TRIOL
3 non-polymer 'ACETATE ION'
4 water water
#
_entity_poly.entity_id   1
_entity_poly.type   'polypeptide(L)'
_entity_poly.pdbx_seq_one_letter_code
;MYSFPNSFRFGWSQAGFQSEMGTPGSEDPNTDWYKWVHDPENMAAGLVSGDLPENGPGYWGNYKTFHDNAQKMGLKIARL
NVEWSRIFPNPLPRPQNFDESKQDVTEVEINENELKRLDEYANKDALNHYREIFKDLKSRGLYFILNMYHWPLPLWLHDP
IRVRRGDFTGPSGWLSTRTVYEFARFSAYIAWKFDDLVDEYSTMNEPNVVGGLGYVGVKSGFPPGYLSFELSRRAMYNII
QAHARAYDGIKSVSKKPVGIIYANSSFQPLTDKDMEAVEMAENDNRWWFFDAIIRGEITRGNEKIVRDDLKGRLDWIGVN
YYTRTVVKRTEKGYVSLGGYGHGCERNSVSLAGLPTSDFGWEFFPEGLYDVLTKYWNRYHLYMYVTENGIADDADYQRPY
YLVSHVYQVHRAINSGADVRGYLHWSLADNYEWASGFSMRFGLLKVDYNTKRLYWRPSALVYREIATNGAITDEIEHLNS
VPPVKPLRH
;
_entity_poly.pdbx_strand_id   A,B
#
# COMPACT_ATOMS: atom_id res chain seq x y z
N MET A 1 27.11 -17.43 9.76
CA MET A 1 26.32 -17.69 10.99
C MET A 1 26.52 -16.60 12.09
N TYR A 2 25.58 -16.57 13.03
CA TYR A 2 25.69 -15.73 14.22
C TYR A 2 25.63 -16.63 15.43
N SER A 3 26.79 -16.89 16.04
CA SER A 3 26.92 -17.88 17.11
C SER A 3 26.85 -17.18 18.44
N PHE A 4 26.14 -17.80 19.38
CA PHE A 4 25.95 -17.22 20.71
C PHE A 4 26.94 -17.89 21.67
N PRO A 5 27.21 -17.24 22.82
CA PRO A 5 28.09 -17.83 23.82
C PRO A 5 27.57 -19.18 24.27
N ASN A 6 28.48 -20.07 24.64
CA ASN A 6 28.13 -21.43 25.01
C ASN A 6 27.14 -21.49 26.19
N SER A 7 27.11 -20.46 27.01
CA SER A 7 26.24 -20.44 28.20
C SER A 7 24.88 -19.81 27.94
N PHE A 8 24.72 -19.14 26.80
CA PHE A 8 23.46 -18.49 26.38
C PHE A 8 22.37 -19.53 26.16
N ARG A 9 21.17 -19.26 26.68
CA ARG A 9 20.08 -20.21 26.54
C ARG A 9 18.89 -19.63 25.75
N PHE A 10 18.32 -20.43 24.85
CA PHE A 10 17.08 -20.08 24.16
C PHE A 10 15.91 -20.79 24.83
N GLY A 11 14.79 -20.09 24.98
CA GLY A 11 13.64 -20.72 25.58
C GLY A 11 12.39 -19.93 25.30
N TRP A 12 11.50 -19.91 26.30
CA TRP A 12 10.20 -19.28 26.17
C TRP A 12 9.67 -18.78 27.52
N SER A 13 8.72 -17.85 27.43
CA SER A 13 8.00 -17.36 28.57
C SER A 13 6.50 -17.67 28.42
N GLN A 14 5.82 -17.84 29.55
CA GLN A 14 4.37 -17.99 29.53
C GLN A 14 3.83 -17.56 30.89
N ALA A 15 2.53 -17.33 30.97
CA ALA A 15 1.93 -16.88 32.23
C ALA A 15 0.85 -17.88 32.69
N GLY A 16 0.64 -17.91 34.01
CA GLY A 16 -0.34 -18.83 34.59
C GLY A 16 -1.75 -18.61 34.09
N PHE A 17 -2.27 -17.39 34.23
CA PHE A 17 -3.65 -17.09 33.84
C PHE A 17 -3.89 -17.35 32.35
N GLN A 18 -2.88 -17.06 31.53
CA GLN A 18 -3.08 -17.16 30.08
C GLN A 18 -3.01 -18.60 29.55
N SER A 19 -2.23 -19.45 30.20
CA SER A 19 -2.00 -20.82 29.69
C SER A 19 -2.55 -22.00 30.53
N GLU A 20 -2.72 -21.79 31.84
CA GLU A 20 -3.03 -22.91 32.75
C GLU A 20 -4.39 -23.54 32.49
N MET A 21 -5.44 -22.73 32.43
CA MET A 21 -6.78 -23.28 32.34
C MET A 21 -7.12 -23.88 30.96
N GLY A 22 -8.11 -24.78 30.94
CA GLY A 22 -8.58 -25.41 29.73
C GLY A 22 -8.83 -26.90 29.88
N THR A 23 -8.10 -27.52 30.81
CA THR A 23 -8.35 -28.92 31.13
C THR A 23 -9.32 -29.00 32.33
N PRO A 24 -10.42 -29.73 32.23
CA PRO A 24 -11.27 -29.87 33.44
C PRO A 24 -10.43 -30.16 34.72
N GLY A 25 -10.79 -29.46 35.80
CA GLY A 25 -10.04 -29.50 37.05
C GLY A 25 -9.08 -28.33 37.28
N SER A 26 -8.87 -27.51 36.24
CA SER A 26 -7.84 -26.45 36.31
C SER A 26 -8.41 -25.07 36.71
N GLU A 27 -9.74 -24.96 36.78
CA GLU A 27 -10.41 -23.67 36.86
C GLU A 27 -9.95 -22.91 38.10
N ASP A 28 -9.60 -21.63 37.94
CA ASP A 28 -9.25 -20.78 39.07
C ASP A 28 -10.11 -19.54 38.99
N PRO A 29 -11.27 -19.56 39.68
CA PRO A 29 -12.23 -18.47 39.60
C PRO A 29 -11.86 -17.35 40.56
N ASN A 30 -10.77 -17.49 41.29
CA ASN A 30 -10.54 -16.56 42.39
C ASN A 30 -9.59 -15.38 42.14
N THR A 31 -9.62 -14.79 40.95
CA THR A 31 -8.82 -13.60 40.68
C THR A 31 -9.66 -12.43 40.26
N ASP A 32 -9.09 -11.25 40.41
CA ASP A 32 -9.70 -10.08 39.83
C ASP A 32 -9.92 -10.23 38.33
N TRP A 33 -8.89 -10.70 37.61
CA TRP A 33 -8.95 -10.95 36.16
C TRP A 33 -10.06 -11.94 35.75
N TYR A 34 -10.20 -13.04 36.47
CA TYR A 34 -11.31 -13.99 36.16
C TYR A 34 -12.66 -13.25 36.26
N LYS A 35 -12.88 -12.59 37.39
CA LYS A 35 -14.12 -11.87 37.58
C LYS A 35 -14.32 -10.80 36.51
N TRP A 36 -13.25 -10.07 36.21
CA TRP A 36 -13.26 -9.00 35.22
C TRP A 36 -13.72 -9.49 33.81
N VAL A 37 -13.19 -10.61 33.32
CA VAL A 37 -13.55 -11.07 31.97
C VAL A 37 -14.91 -11.78 31.90
N HIS A 38 -15.43 -12.17 33.05
CA HIS A 38 -16.76 -12.76 33.12
C HIS A 38 -17.83 -11.73 33.36
N ASP A 39 -17.44 -10.49 33.61
CA ASP A 39 -18.41 -9.45 33.96
C ASP A 39 -19.41 -9.09 32.84
N PRO A 40 -20.71 -9.22 33.10
CA PRO A 40 -21.70 -8.91 32.07
C PRO A 40 -21.56 -7.50 31.48
N GLU A 41 -21.33 -6.49 32.32
CA GLU A 41 -21.25 -5.12 31.81
C GLU A 41 -19.97 -4.94 30.97
N ASN A 42 -18.86 -5.50 31.43
CA ASN A 42 -17.63 -5.39 30.66
C ASN A 42 -17.78 -6.03 29.28
N MET A 43 -18.52 -7.15 29.22
CA MET A 43 -18.76 -7.85 27.97
C MET A 43 -19.61 -7.03 27.04
N ALA A 44 -20.68 -6.42 27.57
CA ALA A 44 -21.59 -5.62 26.75
C ALA A 44 -20.88 -4.39 26.22
N ALA A 45 -19.94 -3.84 27.00
CA ALA A 45 -19.20 -2.63 26.61
C ALA A 45 -18.09 -2.96 25.58
N GLY A 46 -17.83 -4.24 25.41
CA GLY A 46 -16.72 -4.68 24.57
C GLY A 46 -15.35 -4.43 25.18
N LEU A 47 -15.29 -4.19 26.51
CA LEU A 47 -14.00 -3.98 27.17
C LEU A 47 -13.23 -5.31 27.21
N VAL A 48 -13.97 -6.40 27.33
CA VAL A 48 -13.36 -7.73 27.23
C VAL A 48 -13.99 -8.45 26.04
N SER A 49 -13.27 -9.43 25.51
CA SER A 49 -13.70 -10.06 24.23
C SER A 49 -14.93 -10.95 24.36
N GLY A 50 -15.17 -11.49 25.55
CA GLY A 50 -16.23 -12.48 25.71
C GLY A 50 -15.65 -13.88 25.75
N ASP A 51 -14.38 -14.05 25.33
CA ASP A 51 -13.72 -15.34 25.49
C ASP A 51 -13.39 -15.52 26.95
N LEU A 52 -13.35 -16.76 27.39
CA LEU A 52 -13.07 -17.05 28.80
C LEU A 52 -11.89 -17.97 28.97
N PRO A 53 -11.06 -17.69 29.96
CA PRO A 53 -9.78 -18.39 30.14
C PRO A 53 -9.91 -19.86 30.50
N GLU A 54 -11.05 -20.27 31.08
CA GLU A 54 -11.29 -21.69 31.35
C GLU A 54 -11.41 -22.51 30.05
N ASN A 55 -11.50 -21.86 28.90
CA ASN A 55 -11.49 -22.55 27.61
C ASN A 55 -10.11 -22.53 26.95
N GLY A 56 -9.09 -22.37 27.78
CA GLY A 56 -7.71 -22.16 27.34
C GLY A 56 -6.91 -23.36 26.88
N PRO A 57 -5.58 -23.19 26.73
CA PRO A 57 -4.75 -24.24 26.16
C PRO A 57 -4.48 -25.42 27.10
N GLY A 58 -4.75 -25.26 28.41
CA GLY A 58 -4.72 -26.36 29.37
C GLY A 58 -3.34 -26.80 29.80
N TYR A 59 -2.44 -25.84 30.05
CA TYR A 59 -1.13 -26.20 30.58
C TYR A 59 -1.24 -26.94 31.95
N TRP A 60 -2.25 -26.61 32.75
CA TRP A 60 -2.40 -27.24 34.08
C TRP A 60 -2.40 -28.77 33.97
N GLY A 61 -3.18 -29.30 33.04
CA GLY A 61 -3.25 -30.74 32.81
C GLY A 61 -2.23 -31.27 31.83
N ASN A 62 -1.88 -30.46 30.82
CA ASN A 62 -1.13 -30.97 29.66
C ASN A 62 0.35 -30.59 29.67
N TYR A 63 0.86 -30.10 30.80
CA TYR A 63 2.22 -29.60 30.88
C TYR A 63 3.29 -30.54 30.34
N LYS A 64 3.11 -31.85 30.51
CA LYS A 64 4.11 -32.82 30.00
C LYS A 64 4.30 -32.72 28.47
N THR A 65 3.20 -32.57 27.76
CA THR A 65 3.19 -32.33 26.30
C THR A 65 3.88 -31.01 25.93
N PHE A 66 3.59 -29.94 26.66
CA PHE A 66 4.25 -28.66 26.41
C PHE A 66 5.76 -28.88 26.54
N HIS A 67 6.16 -29.55 27.62
CA HIS A 67 7.58 -29.73 27.91
C HIS A 67 8.28 -30.66 26.89
N ASP A 68 7.56 -31.68 26.43
CA ASP A 68 8.05 -32.63 25.41
C ASP A 68 8.43 -31.84 24.15
N ASN A 69 7.50 -31.00 23.71
CA ASN A 69 7.70 -30.13 22.55
C ASN A 69 8.83 -29.14 22.73
N ALA A 70 8.90 -28.50 23.90
CA ALA A 70 10.01 -27.61 24.20
C ALA A 70 11.39 -28.30 24.13
N GLN A 71 11.44 -29.50 24.67
CA GLN A 71 12.65 -30.32 24.61
C GLN A 71 13.02 -30.70 23.17
N LYS A 72 12.04 -31.15 22.38
CA LYS A 72 12.29 -31.49 20.97
C LYS A 72 12.75 -30.26 20.22
N MET A 73 12.31 -29.09 20.69
CA MET A 73 12.67 -27.84 20.04
C MET A 73 14.07 -27.33 20.41
N GLY A 74 14.71 -28.03 21.35
CA GLY A 74 16.07 -27.70 21.78
C GLY A 74 16.13 -26.58 22.82
N LEU A 75 15.00 -26.27 23.45
CA LEU A 75 14.96 -25.15 24.39
C LEU A 75 15.64 -25.53 25.70
N LYS A 76 16.27 -24.55 26.34
CA LYS A 76 17.04 -24.81 27.54
C LYS A 76 16.69 -23.89 28.71
N ILE A 77 15.69 -23.02 28.54
CA ILE A 77 15.27 -22.09 29.61
C ILE A 77 13.76 -21.84 29.52
N ALA A 78 13.13 -21.64 30.69
CA ALA A 78 11.73 -21.31 30.74
C ALA A 78 11.45 -20.32 31.85
N ARG A 79 10.51 -19.42 31.61
CA ARG A 79 10.07 -18.52 32.66
C ARG A 79 8.54 -18.56 32.72
N LEU A 80 8.04 -18.87 33.92
CA LEU A 80 6.62 -19.09 34.19
C LEU A 80 6.35 -18.40 35.50
N ASN A 81 5.08 -18.26 35.87
CA ASN A 81 4.77 -17.78 37.20
C ASN A 81 3.82 -18.74 37.91
N VAL A 82 3.87 -18.73 39.24
CA VAL A 82 2.79 -19.27 40.07
C VAL A 82 1.67 -18.23 40.19
N GLU A 83 0.42 -18.69 40.17
CA GLU A 83 -0.71 -17.83 40.43
C GLU A 83 -1.00 -17.77 41.94
N TRP A 84 -0.77 -16.59 42.51
CA TRP A 84 -1.05 -16.22 43.91
C TRP A 84 -2.41 -16.76 44.39
N SER A 85 -3.44 -16.49 43.59
CA SER A 85 -4.80 -16.92 43.85
C SER A 85 -4.94 -18.43 44.05
N ARG A 86 -4.08 -19.23 43.40
CA ARG A 86 -4.20 -20.68 43.53
C ARG A 86 -3.68 -21.13 44.89
N ILE A 87 -2.61 -20.47 45.35
CA ILE A 87 -1.93 -20.85 46.60
C ILE A 87 -2.70 -20.32 47.83
N PHE A 88 -3.18 -19.07 47.73
CA PHE A 88 -3.98 -18.45 48.78
C PHE A 88 -5.33 -17.94 48.27
N PRO A 89 -6.26 -18.84 48.03
CA PRO A 89 -7.57 -18.47 47.47
C PRO A 89 -8.49 -17.76 48.48
N ASN A 90 -8.20 -17.93 49.78
CA ASN A 90 -8.99 -17.37 50.87
C ASN A 90 -8.25 -16.23 51.59
N PRO A 91 -8.99 -15.27 52.12
CA PRO A 91 -8.37 -14.14 52.84
C PRO A 91 -7.51 -14.56 54.04
N LEU A 92 -6.43 -13.82 54.21
CA LEU A 92 -5.48 -14.05 55.27
C LEU A 92 -5.89 -13.12 56.42
N PRO A 93 -5.66 -13.54 57.67
CA PRO A 93 -5.93 -12.66 58.81
C PRO A 93 -5.10 -11.38 58.65
N ARG A 94 -5.73 -10.24 58.91
CA ARG A 94 -5.03 -8.94 58.86
C ARG A 94 -3.90 -8.86 59.90
N PRO A 95 -2.75 -8.35 59.47
CA PRO A 95 -1.49 -8.40 60.24
C PRO A 95 -1.56 -7.63 61.56
N PHE A 98 0.73 -3.33 61.85
CA PHE A 98 0.63 -2.79 60.48
C PHE A 98 -0.45 -1.72 60.32
N ASP A 99 -0.01 -0.52 59.96
CA ASP A 99 -0.90 0.63 59.79
C ASP A 99 -1.16 0.96 58.29
N GLU A 100 -2.39 0.67 57.85
CA GLU A 100 -2.80 0.82 56.45
C GLU A 100 -2.76 2.27 55.92
N SER A 101 -2.83 3.23 56.83
CA SER A 101 -2.79 4.65 56.44
C SER A 101 -1.39 5.17 56.12
N LYS A 102 -0.35 4.43 56.52
CA LYS A 102 1.04 4.80 56.22
C LYS A 102 1.36 4.61 54.73
N GLN A 103 1.93 5.64 54.11
CA GLN A 103 2.28 5.67 52.68
C GLN A 103 3.37 4.68 52.33
N ASP A 104 4.44 4.66 53.13
CA ASP A 104 5.61 3.83 52.87
C ASP A 104 5.57 2.49 53.61
N VAL A 105 6.03 1.46 52.90
CA VAL A 105 6.24 0.14 53.47
C VAL A 105 7.73 -0.09 53.30
N THR A 106 8.50 0.14 54.37
CA THR A 106 9.97 0.06 54.31
C THR A 106 10.48 -1.29 54.74
N GLU A 107 9.68 -2.04 55.48
CA GLU A 107 10.10 -3.33 55.99
C GLU A 107 8.91 -4.26 56.14
N VAL A 108 9.10 -5.53 55.81
CA VAL A 108 8.13 -6.55 56.13
C VAL A 108 8.91 -7.69 56.77
N GLU A 109 8.62 -7.91 58.04
CA GLU A 109 9.31 -8.92 58.83
C GLU A 109 8.82 -10.29 58.43
N ILE A 110 9.72 -11.13 57.92
CA ILE A 110 9.34 -12.49 57.59
C ILE A 110 10.33 -13.41 58.26
N ASN A 111 9.85 -14.38 59.03
CA ASN A 111 10.75 -15.39 59.56
C ASN A 111 10.13 -16.77 59.50
N GLU A 112 10.90 -17.75 59.96
CA GLU A 112 10.50 -19.15 59.89
C GLU A 112 9.11 -19.41 60.47
N ASN A 113 8.85 -18.87 61.65
CA ASN A 113 7.55 -19.05 62.29
C ASN A 113 6.41 -18.48 61.45
N GLU A 114 6.60 -17.27 60.94
CA GLU A 114 5.59 -16.63 60.11
C GLU A 114 5.30 -17.46 58.85
N LEU A 115 6.33 -18.03 58.23
CA LEU A 115 6.17 -18.88 57.06
C LEU A 115 5.43 -20.19 57.37
N LYS A 116 5.72 -20.75 58.55
CA LYS A 116 4.99 -21.93 59.00
C LYS A 116 3.52 -21.63 59.26
N ARG A 117 3.22 -20.41 59.69
CA ARG A 117 1.83 -20.01 59.93
C ARG A 117 1.06 -19.83 58.61
N LEU A 118 1.71 -19.17 57.66
CA LEU A 118 1.17 -18.98 56.31
C LEU A 118 0.92 -20.35 55.69
N ASP A 119 1.86 -21.23 55.97
CA ASP A 119 1.74 -22.60 55.55
C ASP A 119 0.37 -23.21 55.77
N GLU A 120 -0.29 -22.82 56.86
CA GLU A 120 -1.56 -23.42 57.25
C GLU A 120 -2.75 -22.87 56.44
N TYR A 121 -2.55 -21.74 55.77
CA TYR A 121 -3.59 -21.20 54.90
C TYR A 121 -3.43 -21.61 53.43
N ALA A 122 -2.26 -22.14 53.08
CA ALA A 122 -1.93 -22.45 51.68
C ALA A 122 -2.73 -23.61 51.14
N ASN A 123 -3.12 -23.55 49.85
CA ASN A 123 -3.70 -24.71 49.21
C ASN A 123 -2.65 -25.76 48.88
N LYS A 124 -2.72 -26.92 49.55
CA LYS A 124 -1.71 -27.97 49.37
C LYS A 124 -1.78 -28.66 48.00
N ASP A 125 -2.99 -28.78 47.46
CA ASP A 125 -3.21 -29.42 46.16
C ASP A 125 -2.53 -28.59 45.05
N ALA A 126 -2.74 -27.26 45.10
CA ALA A 126 -2.11 -26.29 44.20
C ALA A 126 -0.59 -26.32 44.31
N LEU A 127 -0.06 -26.20 45.52
CA LEU A 127 1.38 -26.32 45.74
C LEU A 127 1.98 -27.64 45.22
N ASN A 128 1.32 -28.78 45.51
CA ASN A 128 1.81 -30.07 45.03
C ASN A 128 1.81 -30.14 43.49
N HIS A 129 0.74 -29.63 42.89
CA HIS A 129 0.62 -29.61 41.46
C HIS A 129 1.74 -28.79 40.77
N TYR A 130 1.93 -27.55 41.21
CA TYR A 130 3.07 -26.77 40.75
C TYR A 130 4.40 -27.49 40.94
N ARG A 131 4.58 -28.12 42.10
CA ARG A 131 5.80 -28.92 42.29
C ARG A 131 5.92 -29.99 41.16
N GLU A 132 4.81 -30.65 40.84
CA GLU A 132 4.84 -31.66 39.79
C GLU A 132 5.21 -31.03 38.41
N ILE A 133 4.65 -29.85 38.13
CA ILE A 133 4.90 -29.17 36.85
C ILE A 133 6.38 -28.79 36.76
N PHE A 134 6.91 -28.16 37.80
CA PHE A 134 8.29 -27.70 37.80
C PHE A 134 9.31 -28.81 37.84
N LYS A 135 8.98 -29.93 38.48
CA LYS A 135 9.90 -31.07 38.49
C LYS A 135 10.02 -31.61 37.06
N ASP A 136 8.89 -31.72 36.39
CA ASP A 136 8.87 -32.20 35.01
C ASP A 136 9.65 -31.26 34.09
N LEU A 137 9.49 -29.96 34.32
CA LEU A 137 10.23 -28.93 33.60
C LEU A 137 11.73 -29.12 33.77
N LYS A 138 12.18 -29.25 35.02
CA LYS A 138 13.59 -29.45 35.31
C LYS A 138 14.14 -30.72 34.70
N SER A 139 13.32 -31.76 34.62
CA SER A 139 13.74 -33.04 34.09
C SER A 139 14.03 -32.97 32.58
N ARG A 140 13.59 -31.91 31.92
CA ARG A 140 13.93 -31.73 30.50
C ARG A 140 15.21 -30.97 30.26
N GLY A 141 15.95 -30.66 31.32
CA GLY A 141 17.13 -29.82 31.19
C GLY A 141 16.82 -28.35 31.02
N LEU A 142 15.62 -27.93 31.40
CA LEU A 142 15.27 -26.51 31.33
C LEU A 142 15.72 -25.76 32.58
N TYR A 143 16.56 -24.75 32.39
CA TYR A 143 16.87 -23.75 33.41
C TYR A 143 15.58 -22.98 33.73
N PHE A 144 15.34 -22.66 35.00
CA PHE A 144 14.01 -22.22 35.46
C PHE A 144 14.06 -20.84 36.08
N ILE A 145 13.42 -19.88 35.43
CA ILE A 145 13.19 -18.58 36.04
C ILE A 145 11.76 -18.56 36.54
N LEU A 146 11.61 -18.49 37.87
CA LEU A 146 10.29 -18.40 38.48
C LEU A 146 9.90 -16.98 38.75
N ASN A 147 8.81 -16.54 38.13
CA ASN A 147 8.22 -15.23 38.35
C ASN A 147 7.09 -15.33 39.40
N MET A 148 6.97 -14.36 40.31
CA MET A 148 5.93 -14.43 41.38
C MET A 148 4.56 -13.92 40.95
N TYR A 149 4.51 -13.04 39.95
CA TYR A 149 3.30 -12.27 39.63
C TYR A 149 3.22 -11.84 38.16
N HIS A 150 2.12 -12.15 37.51
CA HIS A 150 1.88 -11.79 36.09
C HIS A 150 0.42 -11.37 35.93
N TRP A 151 0.01 -10.49 36.86
CA TRP A 151 -1.14 -9.59 36.74
C TRP A 151 -2.38 -9.94 37.59
N PRO A 152 -2.95 -11.15 37.50
CA PRO A 152 -4.10 -11.45 38.35
C PRO A 152 -3.73 -11.43 39.83
N LEU A 153 -4.60 -10.80 40.62
CA LEU A 153 -4.56 -10.78 42.07
C LEU A 153 -5.69 -11.63 42.66
N PRO A 154 -5.49 -12.20 43.85
CA PRO A 154 -6.60 -12.87 44.55
C PRO A 154 -7.74 -11.89 44.70
N LEU A 155 -8.96 -12.37 44.48
CA LEU A 155 -10.15 -11.55 44.62
C LEU A 155 -10.25 -10.95 46.02
N TRP A 156 -9.69 -11.63 47.00
CA TRP A 156 -9.80 -11.11 48.36
C TRP A 156 -8.88 -9.92 48.55
N LEU A 157 -7.97 -9.69 47.60
CA LEU A 157 -7.12 -8.48 47.57
C LEU A 157 -7.60 -7.40 46.62
N HIS A 158 -8.43 -7.77 45.62
CA HIS A 158 -8.90 -6.81 44.65
C HIS A 158 -10.22 -7.22 44.04
N ASP A 159 -11.28 -6.48 44.35
CA ASP A 159 -12.54 -6.63 43.62
C ASP A 159 -12.63 -5.51 42.59
N PRO A 160 -12.35 -5.84 41.33
CA PRO A 160 -12.14 -4.82 40.30
C PRO A 160 -13.42 -4.15 39.83
N ILE A 161 -14.55 -4.84 39.92
CA ILE A 161 -15.82 -4.25 39.52
C ILE A 161 -16.24 -3.13 40.51
N ARG A 162 -16.13 -3.40 41.81
CA ARG A 162 -16.37 -2.33 42.81
C ARG A 162 -15.58 -1.07 42.48
N VAL A 163 -14.29 -1.24 42.26
CA VAL A 163 -13.41 -0.12 41.93
C VAL A 163 -13.79 0.55 40.58
N ARG A 164 -14.04 -0.25 39.53
CA ARG A 164 -14.52 0.33 38.29
C ARG A 164 -15.68 1.27 38.54
N ARG A 165 -16.59 0.85 39.42
CA ARG A 165 -17.79 1.62 39.74
C ARG A 165 -17.53 2.84 40.62
N GLY A 166 -16.27 3.03 41.03
CA GLY A 166 -15.93 4.22 41.80
C GLY A 166 -16.05 4.01 43.31
N ASP A 167 -16.15 2.76 43.72
CA ASP A 167 -16.32 2.41 45.13
C ASP A 167 -14.98 1.95 45.68
N PHE A 168 -14.38 2.77 46.55
CA PHE A 168 -13.05 2.45 47.13
C PHE A 168 -13.07 1.86 48.55
N THR A 169 -14.23 1.39 49.00
CA THR A 169 -14.35 0.83 50.35
C THR A 169 -13.97 -0.66 50.45
N GLY A 170 -13.79 -1.33 49.30
CA GLY A 170 -13.49 -2.74 49.29
C GLY A 170 -12.02 -3.05 49.03
N PRO A 171 -11.69 -4.30 48.72
CA PRO A 171 -10.31 -4.69 48.40
C PRO A 171 -9.85 -4.01 47.11
N SER A 172 -8.79 -3.21 47.20
CA SER A 172 -8.47 -2.21 46.19
C SER A 172 -7.18 -2.47 45.41
N GLY A 173 -6.70 -3.70 45.49
CA GLY A 173 -5.53 -4.11 44.72
C GLY A 173 -4.28 -3.30 44.97
N TRP A 174 -3.60 -2.85 43.91
CA TRP A 174 -2.39 -2.07 44.10
C TRP A 174 -2.59 -0.67 44.70
N LEU A 175 -3.84 -0.30 44.94
CA LEU A 175 -4.09 0.98 45.60
C LEU A 175 -3.95 0.86 47.13
N SER A 176 -3.75 -0.36 47.63
CA SER A 176 -3.68 -0.59 49.08
C SER A 176 -2.31 -1.14 49.49
N THR A 177 -1.73 -0.60 50.56
CA THR A 177 -0.48 -1.18 51.10
C THR A 177 -0.70 -2.56 51.70
N ARG A 178 -1.94 -2.95 52.00
CA ARG A 178 -2.18 -4.35 52.40
C ARG A 178 -1.71 -5.34 51.28
N THR A 179 -1.91 -4.98 50.03
CA THR A 179 -1.42 -5.80 48.92
C THR A 179 0.10 -5.86 48.90
N VAL A 180 0.76 -4.73 49.16
CA VAL A 180 2.22 -4.65 49.16
C VAL A 180 2.75 -5.59 50.25
N TYR A 181 2.10 -5.52 51.42
CA TYR A 181 2.49 -6.34 52.56
C TYR A 181 2.33 -7.83 52.24
N GLU A 182 1.15 -8.24 51.77
CA GLU A 182 0.88 -9.64 51.48
C GLU A 182 1.73 -10.16 50.31
N PHE A 183 2.07 -9.28 49.37
CA PHE A 183 2.88 -9.69 48.22
C PHE A 183 4.27 -10.09 48.66
N ALA A 184 4.83 -9.30 49.57
CA ALA A 184 6.15 -9.59 50.15
C ALA A 184 6.17 -10.95 50.82
N ARG A 185 5.12 -11.22 51.59
CA ARG A 185 5.03 -12.52 52.28
C ARG A 185 4.82 -13.69 51.32
N PHE A 186 3.97 -13.47 50.31
CA PHE A 186 3.71 -14.48 49.31
C PHE A 186 5.00 -14.83 48.59
N SER A 187 5.79 -13.82 48.23
CA SER A 187 7.03 -14.07 47.48
C SER A 187 8.00 -14.88 48.31
N ALA A 188 8.20 -14.47 49.57
CA ALA A 188 9.04 -15.21 50.49
C ALA A 188 8.55 -16.64 50.65
N TYR A 189 7.24 -16.82 50.73
CA TYR A 189 6.65 -18.14 50.93
C TYR A 189 6.94 -19.07 49.74
N ILE A 190 6.80 -18.56 48.51
CA ILE A 190 7.04 -19.37 47.32
C ILE A 190 8.50 -19.76 47.19
N ALA A 191 9.41 -18.80 47.38
CA ALA A 191 10.84 -19.10 47.38
C ALA A 191 11.14 -20.16 48.44
N TRP A 192 10.54 -20.02 49.61
CA TRP A 192 10.74 -20.98 50.70
C TRP A 192 10.32 -22.38 50.26
N LYS A 193 9.19 -22.49 49.57
CA LYS A 193 8.71 -23.78 49.10
C LYS A 193 9.42 -24.33 47.88
N PHE A 194 9.91 -23.47 46.99
CA PHE A 194 10.36 -23.95 45.68
C PHE A 194 11.86 -23.75 45.37
N ASP A 195 12.60 -23.16 46.30
CA ASP A 195 14.01 -22.81 46.05
C ASP A 195 14.87 -23.93 45.47
N ASP A 196 14.55 -25.17 45.84
CA ASP A 196 15.27 -26.34 45.33
C ASP A 196 15.13 -26.55 43.82
N LEU A 197 14.03 -26.05 43.25
CA LEU A 197 13.71 -26.23 41.84
C LEU A 197 14.12 -25.02 40.99
N VAL A 198 14.16 -23.85 41.62
CA VAL A 198 14.36 -22.59 40.92
C VAL A 198 15.82 -22.23 40.65
N ASP A 199 16.09 -21.60 39.50
CA ASP A 199 17.43 -21.16 39.18
C ASP A 199 17.59 -19.67 39.41
N GLU A 200 16.67 -18.89 38.88
CA GLU A 200 16.59 -17.44 39.16
C GLU A 200 15.14 -17.01 39.41
N TYR A 201 14.95 -15.86 40.09
CA TYR A 201 13.62 -15.37 40.41
C TYR A 201 13.35 -14.03 39.71
N SER A 202 12.08 -13.82 39.36
CA SER A 202 11.57 -12.51 39.05
C SER A 202 10.46 -12.22 40.04
N THR A 203 10.39 -10.98 40.52
CA THR A 203 9.28 -10.66 41.41
C THR A 203 7.97 -10.53 40.64
N MET A 204 8.04 -9.92 39.47
CA MET A 204 6.89 -9.30 38.83
C MET A 204 7.07 -9.26 37.32
N ASN A 205 5.97 -9.36 36.58
CA ASN A 205 5.96 -9.11 35.15
C ASN A 205 5.29 -7.78 34.84
N GLU A 206 6.04 -6.84 34.25
CA GLU A 206 5.49 -5.59 33.71
C GLU A 206 4.53 -4.83 34.63
N PRO A 207 5.04 -4.40 35.77
CA PRO A 207 4.23 -3.57 36.70
C PRO A 207 3.75 -2.27 36.03
N ASN A 208 4.53 -1.72 35.11
CA ASN A 208 4.13 -0.50 34.38
C ASN A 208 2.84 -0.69 33.55
N VAL A 209 2.63 -1.90 33.04
CA VAL A 209 1.41 -2.16 32.29
C VAL A 209 0.21 -2.28 33.24
N VAL A 210 0.41 -2.94 34.39
CA VAL A 210 -0.67 -3.07 35.38
C VAL A 210 -1.15 -1.67 35.80
N GLY A 211 -0.24 -0.80 36.18
CA GLY A 211 -0.65 0.54 36.61
C GLY A 211 -1.11 1.42 35.47
N GLY A 212 -0.45 1.27 34.30
CA GLY A 212 -0.72 2.09 33.13
C GLY A 212 -2.06 1.79 32.48
N LEU A 213 -2.35 0.53 32.20
CA LEU A 213 -3.59 0.20 31.53
C LEU A 213 -4.72 0.07 32.55
N GLY A 214 -4.40 -0.24 33.79
CA GLY A 214 -5.43 -0.34 34.82
C GLY A 214 -6.11 0.98 35.13
N TYR A 215 -5.36 2.08 35.07
CA TYR A 215 -5.85 3.38 35.55
C TYR A 215 -5.74 4.54 34.57
N VAL A 216 -5.16 4.31 33.39
CA VAL A 216 -5.07 5.35 32.35
C VAL A 216 -5.59 4.85 30.99
N GLY A 217 -4.95 3.83 30.42
CA GLY A 217 -5.40 3.31 29.12
C GLY A 217 -6.61 2.43 29.30
N VAL A 218 -7.73 3.02 29.75
CA VAL A 218 -8.93 2.25 30.13
C VAL A 218 -9.66 1.60 28.93
N LYS A 219 -9.40 2.08 27.74
CA LYS A 219 -9.99 1.41 26.56
C LYS A 219 -9.39 0.02 26.35
N SER A 220 -8.24 -0.27 26.96
CA SER A 220 -7.64 -1.60 26.87
C SER A 220 -8.41 -2.71 27.58
N GLY A 221 -9.38 -2.36 28.43
CA GLY A 221 -10.14 -3.34 29.18
C GLY A 221 -9.33 -4.12 30.19
N PHE A 222 -8.45 -3.42 30.90
CA PHE A 222 -7.65 -4.04 31.97
C PHE A 222 -8.25 -3.60 33.32
N PRO A 223 -8.30 -4.48 34.31
CA PRO A 223 -8.88 -4.13 35.63
C PRO A 223 -7.98 -3.18 36.43
N PRO A 224 -8.59 -2.30 37.22
CA PRO A 224 -10.04 -2.19 37.35
C PRO A 224 -10.66 -1.15 36.42
N GLY A 225 -9.91 -0.63 35.44
CA GLY A 225 -10.47 0.26 34.45
C GLY A 225 -11.05 1.54 35.03
N TYR A 226 -10.38 2.08 36.04
CA TYR A 226 -10.81 3.34 36.67
C TYR A 226 -9.86 4.42 36.23
N LEU A 227 -10.38 5.41 35.51
CA LEU A 227 -9.52 6.41 34.87
C LEU A 227 -9.10 7.49 35.89
N SER A 228 -7.81 7.51 36.23
CA SER A 228 -7.26 8.43 37.23
C SER A 228 -5.74 8.50 37.19
N PHE A 229 -5.23 9.67 36.81
CA PHE A 229 -3.78 9.91 36.82
C PHE A 229 -3.26 9.67 38.25
N GLU A 230 -3.97 10.23 39.22
CA GLU A 230 -3.55 10.16 40.64
C GLU A 230 -3.49 8.73 41.10
N LEU A 231 -4.55 7.97 40.83
CA LEU A 231 -4.52 6.56 41.25
C LEU A 231 -3.53 5.69 40.49
N SER A 232 -3.24 6.02 39.21
CA SER A 232 -2.16 5.31 38.50
C SER A 232 -0.80 5.53 39.19
N ARG A 233 -0.53 6.77 39.58
CA ARG A 233 0.66 7.09 40.39
C ARG A 233 0.74 6.31 41.69
N ARG A 234 -0.36 6.29 42.45
CA ARG A 234 -0.44 5.55 43.71
C ARG A 234 -0.16 4.06 43.48
N ALA A 235 -0.81 3.48 42.47
CA ALA A 235 -0.57 2.06 42.15
C ALA A 235 0.89 1.81 41.83
N MET A 236 1.49 2.69 41.05
CA MET A 236 2.88 2.47 40.65
C MET A 236 3.81 2.58 41.87
N TYR A 237 3.53 3.56 42.73
CA TYR A 237 4.29 3.73 43.95
C TYR A 237 4.24 2.47 44.82
N ASN A 238 3.04 1.91 45.01
CA ASN A 238 2.87 0.68 45.77
C ASN A 238 3.58 -0.54 45.16
N ILE A 239 3.43 -0.71 43.85
CA ILE A 239 4.06 -1.85 43.18
C ILE A 239 5.60 -1.79 43.24
N ILE A 240 6.16 -0.59 43.18
CA ILE A 240 7.61 -0.40 43.37
C ILE A 240 8.06 -0.89 44.77
N GLN A 241 7.37 -0.41 45.81
CA GLN A 241 7.65 -0.87 47.18
C GLN A 241 7.43 -2.37 47.30
N ALA A 242 6.42 -2.87 46.58
CA ALA A 242 6.13 -4.28 46.64
C ALA A 242 7.30 -5.04 46.06
N HIS A 243 7.88 -4.51 44.98
CA HIS A 243 9.00 -5.20 44.38
C HIS A 243 10.13 -5.31 45.40
N ALA A 244 10.48 -4.17 46.00
CA ALA A 244 11.60 -4.09 46.96
C ALA A 244 11.39 -5.02 48.17
N ARG A 245 10.18 -5.03 48.70
CA ARG A 245 9.86 -5.87 49.84
C ARG A 245 9.84 -7.37 49.44
N ALA A 246 9.33 -7.68 48.25
CA ALA A 246 9.45 -9.06 47.74
C ALA A 246 10.92 -9.50 47.56
N TYR A 247 11.76 -8.59 47.09
CA TYR A 247 13.17 -8.91 46.91
C TYR A 247 13.81 -9.28 48.27
N ASP A 248 13.55 -8.46 49.30
CA ASP A 248 14.10 -8.71 50.63
C ASP A 248 13.56 -10.01 51.20
N GLY A 249 12.27 -10.25 50.97
CA GLY A 249 11.60 -11.44 51.45
C GLY A 249 12.16 -12.70 50.81
N ILE A 250 12.34 -12.68 49.48
CA ILE A 250 12.99 -13.81 48.82
C ILE A 250 14.43 -14.03 49.33
N LYS A 251 15.19 -12.96 49.46
CA LYS A 251 16.58 -13.06 49.90
C LYS A 251 16.74 -13.52 51.37
N SER A 252 15.69 -13.37 52.17
CA SER A 252 15.71 -13.89 53.54
C SER A 252 15.72 -15.43 53.55
N VAL A 253 15.39 -16.01 52.40
CA VAL A 253 15.14 -17.43 52.31
C VAL A 253 15.98 -18.10 51.19
N SER A 254 16.64 -17.30 50.36
CA SER A 254 17.38 -17.84 49.21
C SER A 254 18.56 -16.95 48.86
N LYS A 255 19.60 -17.57 48.31
CA LYS A 255 20.77 -16.85 47.82
C LYS A 255 20.75 -16.59 46.29
N LYS A 256 19.71 -17.10 45.62
CA LYS A 256 19.63 -17.05 44.14
C LYS A 256 19.29 -15.66 43.59
N PRO A 257 19.65 -15.38 42.32
CA PRO A 257 19.44 -14.03 41.74
C PRO A 257 17.96 -13.67 41.69
N VAL A 258 17.63 -12.41 41.99
CA VAL A 258 16.26 -11.92 42.00
C VAL A 258 16.21 -10.68 41.12
N GLY A 259 15.36 -10.73 40.07
CA GLY A 259 15.21 -9.58 39.20
C GLY A 259 13.77 -9.14 39.00
N ILE A 260 13.52 -8.47 37.89
CA ILE A 260 12.18 -7.98 37.56
C ILE A 260 12.03 -7.93 36.04
N ILE A 261 10.80 -8.13 35.58
CA ILE A 261 10.50 -8.12 34.15
C ILE A 261 9.64 -6.91 33.84
N TYR A 262 10.03 -6.14 32.83
CA TYR A 262 9.42 -4.85 32.52
C TYR A 262 9.05 -4.70 31.03
N ALA A 263 8.00 -3.93 30.77
CA ALA A 263 7.47 -3.71 29.41
C ALA A 263 8.26 -2.59 28.75
N ASN A 264 8.93 -2.89 27.64
CA ASN A 264 9.76 -1.90 26.98
C ASN A 264 9.28 -1.56 25.57
N SER A 265 9.49 -0.31 25.23
CA SER A 265 9.39 0.11 23.85
C SER A 265 10.72 0.80 23.48
N SER A 266 11.12 0.74 22.23
CA SER A 266 12.26 1.52 21.76
C SER A 266 11.76 2.88 21.28
N PHE A 267 12.15 3.93 21.98
CA PHE A 267 11.69 5.27 21.67
C PHE A 267 12.54 5.84 20.56
N GLN A 268 11.88 6.22 19.45
CA GLN A 268 12.54 6.64 18.23
C GLN A 268 12.08 8.03 17.84
N PRO A 269 12.99 8.87 17.36
CA PRO A 269 12.65 10.25 17.00
C PRO A 269 11.94 10.32 15.65
N LEU A 270 10.85 11.08 15.57
CA LEU A 270 10.17 11.28 14.31
C LEU A 270 11.12 11.94 13.28
N THR A 271 11.80 13.02 13.68
CA THR A 271 12.81 13.72 12.87
C THR A 271 14.08 13.87 13.68
N ASP A 272 15.16 14.31 13.05
CA ASP A 272 16.43 14.47 13.79
C ASP A 272 16.38 15.57 14.83
N LYS A 273 15.30 16.36 14.81
CA LYS A 273 15.06 17.39 15.84
C LYS A 273 14.31 16.86 17.07
N ASP A 274 14.15 15.54 17.19
CA ASP A 274 13.33 14.97 18.27
C ASP A 274 14.08 14.09 19.25
N MET A 275 15.42 14.21 19.26
CA MET A 275 16.24 13.38 20.13
C MET A 275 16.08 13.68 21.61
N GLU A 276 15.81 14.95 21.94
CA GLU A 276 15.46 15.34 23.29
C GLU A 276 14.15 14.69 23.73
N ALA A 277 13.17 14.66 22.82
CA ALA A 277 11.89 14.00 23.07
C ALA A 277 12.08 12.52 23.42
N VAL A 278 13.03 11.86 22.77
CA VAL A 278 13.32 10.46 23.02
C VAL A 278 13.81 10.29 24.47
N GLU A 279 14.72 11.15 24.89
CA GLU A 279 15.28 11.07 26.24
C GLU A 279 14.23 11.32 27.31
N MET A 280 13.37 12.30 27.11
CA MET A 280 12.23 12.55 28.00
C MET A 280 11.27 11.35 28.10
N ALA A 281 10.98 10.74 26.95
CA ALA A 281 10.17 9.53 26.92
C ALA A 281 10.84 8.39 27.68
N GLU A 282 12.15 8.22 27.50
CA GLU A 282 12.87 7.15 28.19
C GLU A 282 12.90 7.36 29.72
N ASN A 283 13.09 8.62 30.14
CA ASN A 283 12.99 8.97 31.56
C ASN A 283 11.62 8.62 32.13
N ASP A 284 10.58 9.09 31.44
CA ASP A 284 9.20 8.93 31.90
C ASP A 284 8.72 7.49 31.91
N ASN A 285 9.25 6.65 31.02
CA ASN A 285 8.69 5.30 30.82
C ASN A 285 9.60 4.19 31.29
N ARG A 286 10.83 4.53 31.65
CA ARG A 286 11.83 3.51 31.93
C ARG A 286 12.76 3.86 33.11
N TRP A 287 13.49 4.95 32.97
CA TRP A 287 14.52 5.30 33.95
C TRP A 287 13.95 5.65 35.33
N TRP A 288 12.83 6.36 35.39
CA TRP A 288 12.25 6.72 36.69
C TRP A 288 11.99 5.46 37.50
N PHE A 289 11.55 4.38 36.83
CA PHE A 289 11.23 3.15 37.56
C PHE A 289 12.48 2.44 38.03
N PHE A 290 13.44 2.26 37.12
CA PHE A 290 14.61 1.49 37.44
C PHE A 290 15.55 2.28 38.36
N ASP A 291 15.57 3.61 38.22
CA ASP A 291 16.33 4.44 39.17
C ASP A 291 15.78 4.28 40.59
N ALA A 292 14.47 4.02 40.74
CA ALA A 292 13.85 3.80 42.06
C ALA A 292 14.33 2.51 42.70
N ILE A 293 14.27 1.40 41.97
CA ILE A 293 14.60 0.10 42.56
C ILE A 293 16.08 -0.27 42.52
N ILE A 294 16.88 0.44 41.74
CA ILE A 294 18.32 0.21 41.72
C ILE A 294 19.06 1.28 42.55
N ARG A 295 18.71 2.53 42.37
CA ARG A 295 19.43 3.62 43.02
C ARG A 295 18.71 4.18 44.23
N GLY A 296 17.47 3.73 44.45
CA GLY A 296 16.63 4.26 45.51
C GLY A 296 16.06 5.65 45.26
N GLU A 297 16.24 6.18 44.05
CA GLU A 297 15.73 7.51 43.67
C GLU A 297 14.23 7.52 43.34
N ILE A 298 13.45 8.34 44.05
CA ILE A 298 12.01 8.38 43.82
C ILE A 298 11.39 9.73 44.15
N THR A 299 10.13 9.91 43.75
CA THR A 299 9.34 11.10 44.07
C THR A 299 8.05 10.77 44.86
N LYS A 304 11.63 14.67 45.72
CA LYS A 304 12.68 13.86 45.10
C LYS A 304 13.74 13.36 46.09
N ILE A 305 13.56 12.18 46.66
CA ILE A 305 14.48 11.63 47.68
C ILE A 305 15.16 10.31 47.32
N VAL A 306 16.03 9.87 48.23
CA VAL A 306 16.63 8.53 48.16
C VAL A 306 16.10 7.69 49.33
N ARG A 307 15.52 6.53 49.02
CA ARG A 307 15.03 5.64 50.05
C ARG A 307 15.99 4.48 50.16
N ASP A 308 16.61 4.32 51.32
CA ASP A 308 17.58 3.26 51.52
C ASP A 308 16.93 1.88 51.46
N ASP A 309 15.64 1.80 51.74
CA ASP A 309 14.93 0.52 51.67
C ASP A 309 14.61 0.11 50.20
N LEU A 310 14.79 1.05 49.27
CA LEU A 310 14.59 0.79 47.82
C LEU A 310 15.90 0.55 47.07
N LYS A 311 16.98 1.16 47.55
CA LYS A 311 18.27 1.09 46.86
C LYS A 311 18.78 -0.35 46.70
N GLY A 312 19.32 -0.65 45.52
CA GLY A 312 19.98 -1.92 45.24
C GLY A 312 19.13 -3.19 45.28
N ARG A 313 17.81 -3.06 45.12
CA ARG A 313 16.93 -4.23 45.16
C ARG A 313 16.76 -4.87 43.75
N LEU A 314 17.88 -5.24 43.10
CA LEU A 314 17.81 -5.87 41.76
C LEU A 314 19.12 -6.48 41.35
N ASP A 315 19.09 -7.76 40.95
CA ASP A 315 20.26 -8.51 40.45
C ASP A 315 20.29 -8.61 38.92
N TRP A 316 19.11 -8.58 38.30
CA TRP A 316 19.04 -8.69 36.84
C TRP A 316 17.77 -8.04 36.27
N ILE A 317 17.80 -7.77 34.96
CA ILE A 317 16.71 -7.07 34.29
C ILE A 317 16.12 -7.94 33.19
N GLY A 318 14.79 -8.18 33.26
CA GLY A 318 14.09 -8.89 32.22
C GLY A 318 13.53 -7.89 31.22
N VAL A 319 13.99 -8.01 29.97
CA VAL A 319 13.62 -7.08 28.93
C VAL A 319 12.53 -7.74 28.06
N ASN A 320 11.31 -7.23 28.15
CA ASN A 320 10.24 -7.62 27.24
C ASN A 320 10.25 -6.56 26.16
N TYR A 321 10.16 -6.99 24.91
CA TYR A 321 10.23 -6.06 23.81
C TYR A 321 9.42 -6.59 22.64
N TYR A 322 8.56 -5.75 22.07
CA TYR A 322 7.81 -6.12 20.88
C TYR A 322 7.99 -5.20 19.66
N THR A 323 8.08 -3.89 19.92
CA THR A 323 8.06 -2.89 18.86
C THR A 323 8.52 -1.53 19.41
N ARG A 324 8.60 -0.53 18.54
CA ARG A 324 8.99 0.82 18.90
C ARG A 324 7.85 1.75 19.25
N THR A 325 8.21 2.96 19.69
CA THR A 325 7.27 4.08 19.84
C THR A 325 7.96 5.30 19.20
N VAL A 326 7.30 5.93 18.25
CA VAL A 326 7.84 7.12 17.61
C VAL A 326 7.31 8.34 18.36
N VAL A 327 8.22 9.23 18.74
CA VAL A 327 7.82 10.44 19.48
C VAL A 327 8.30 11.72 18.80
N LYS A 328 7.58 12.81 19.07
CA LYS A 328 8.01 14.11 18.57
C LYS A 328 8.02 15.15 19.70
N ARG A 329 8.90 16.13 19.56
CA ARG A 329 9.02 17.24 20.50
C ARG A 329 7.77 18.11 20.41
N THR A 330 7.31 18.56 21.56
CA THR A 330 6.13 19.40 21.66
C THR A 330 6.50 20.66 22.46
N GLU A 331 5.73 21.74 22.26
CA GLU A 331 5.80 22.95 23.10
C GLU A 331 5.96 22.57 24.58
N LYS A 332 4.94 21.87 25.10
CA LYS A 332 4.87 21.49 26.51
C LYS A 332 5.72 20.27 26.88
N GLY A 333 6.23 19.54 25.88
CA GLY A 333 6.98 18.31 26.14
C GLY A 333 7.17 17.43 24.93
N TYR A 334 6.50 16.28 24.92
CA TYR A 334 6.59 15.32 23.82
C TYR A 334 5.30 14.54 23.69
N VAL A 335 5.07 14.00 22.49
CA VAL A 335 3.95 13.09 22.24
C VAL A 335 4.39 11.90 21.39
N SER A 336 3.70 10.78 21.60
CA SER A 336 3.82 9.55 20.79
C SER A 336 2.94 9.67 19.58
N LEU A 337 3.36 9.06 18.47
CA LEU A 337 2.60 9.17 17.22
C LEU A 337 1.84 7.88 16.87
N GLY A 338 0.56 8.04 16.52
CA GLY A 338 -0.21 6.93 15.94
C GLY A 338 0.35 6.54 14.58
N GLY A 339 0.07 5.32 14.13
CA GLY A 339 0.59 4.87 12.83
C GLY A 339 1.99 4.27 12.87
N TYR A 340 2.56 4.14 14.07
CA TYR A 340 3.85 3.46 14.27
C TYR A 340 3.73 2.59 15.51
N GLY A 341 4.69 1.67 15.68
CA GLY A 341 4.80 0.86 16.88
C GLY A 341 3.53 0.08 17.15
N HIS A 342 2.99 0.21 18.36
CA HIS A 342 1.77 -0.56 18.72
C HIS A 342 0.46 0.04 18.23
N GLY A 343 0.53 1.24 17.65
CA GLY A 343 -0.67 1.96 17.25
C GLY A 343 -0.90 1.96 15.75
N CYS A 344 -0.74 0.80 15.11
CA CYS A 344 -1.05 0.67 13.67
C CYS A 344 -2.31 -0.14 13.38
N GLU A 345 -2.71 -0.17 12.12
CA GLU A 345 -3.82 -1.00 11.73
C GLU A 345 -3.34 -2.44 11.71
N ARG A 346 -4.24 -3.35 12.04
CA ARG A 346 -3.91 -4.78 12.06
C ARG A 346 -3.68 -5.24 10.63
N ASN A 347 -2.66 -6.10 10.44
CA ASN A 347 -2.45 -6.76 9.15
C ASN A 347 -2.35 -5.73 8.02
N SER A 348 -1.41 -4.83 8.16
CA SER A 348 -1.30 -3.76 7.22
C SER A 348 0.17 -3.35 7.21
N VAL A 349 0.38 -2.06 7.06
CA VAL A 349 1.70 -1.48 7.02
C VAL A 349 1.65 -0.17 7.86
N SER A 350 2.74 0.15 8.54
CA SER A 350 2.85 1.36 9.32
C SER A 350 3.01 2.59 8.41
N LEU A 351 3.00 3.78 9.00
CA LEU A 351 3.37 5.00 8.29
C LEU A 351 4.79 4.94 7.68
N ALA A 352 5.66 4.06 8.21
CA ALA A 352 6.98 3.86 7.61
C ALA A 352 7.04 2.75 6.57
N GLY A 353 5.91 2.14 6.24
CA GLY A 353 5.93 1.07 5.24
C GLY A 353 6.34 -0.30 5.76
N LEU A 354 6.46 -0.43 7.07
CA LEU A 354 6.84 -1.70 7.71
C LEU A 354 5.59 -2.54 8.06
N PRO A 355 5.66 -3.86 7.87
CA PRO A 355 4.48 -4.72 8.08
C PRO A 355 4.00 -4.73 9.50
N THR A 356 2.68 -4.81 9.69
CA THR A 356 2.15 -4.92 11.04
C THR A 356 1.52 -6.30 11.32
N SER A 357 1.46 -6.66 12.59
CA SER A 357 1.04 -8.00 13.02
C SER A 357 -0.49 -8.10 13.08
N ASP A 358 -1.01 -9.28 13.45
CA ASP A 358 -2.43 -9.48 13.70
C ASP A 358 -2.96 -8.50 14.77
N PHE A 359 -2.05 -7.97 15.60
CA PHE A 359 -2.39 -7.05 16.68
C PHE A 359 -2.17 -5.57 16.26
N GLY A 360 -1.67 -5.34 15.05
CA GLY A 360 -1.36 -3.98 14.62
C GLY A 360 -0.04 -3.43 15.16
N TRP A 361 0.93 -4.31 15.45
CA TRP A 361 2.23 -3.85 15.94
C TRP A 361 3.28 -3.89 14.83
N GLU A 362 4.01 -2.80 14.70
CA GLU A 362 5.03 -2.62 13.65
C GLU A 362 6.29 -3.47 13.83
N PHE A 363 6.78 -4.05 12.72
CA PHE A 363 8.04 -4.79 12.67
C PHE A 363 9.22 -3.83 12.84
N PHE A 364 9.97 -3.99 13.93
CA PHE A 364 11.08 -3.07 14.22
C PHE A 364 12.14 -3.71 15.11
N PRO A 365 12.84 -4.72 14.59
CA PRO A 365 13.79 -5.45 15.42
C PRO A 365 14.96 -4.60 15.95
N GLU A 366 15.34 -3.55 15.24
CA GLU A 366 16.46 -2.70 15.67
C GLU A 366 16.19 -2.14 17.08
N GLY A 367 14.91 -1.90 17.39
CA GLY A 367 14.55 -1.43 18.72
C GLY A 367 15.08 -2.27 19.87
N LEU A 368 15.29 -3.57 19.63
CA LEU A 368 15.69 -4.48 20.70
C LEU A 368 17.15 -4.22 21.03
N TYR A 369 17.94 -3.96 20.00
CA TYR A 369 19.34 -3.61 20.19
C TYR A 369 19.42 -2.31 20.98
N ASP A 370 18.58 -1.34 20.60
CA ASP A 370 18.49 -0.04 21.31
C ASP A 370 18.22 -0.26 22.82
N VAL A 371 17.17 -1.02 23.13
CA VAL A 371 16.75 -1.21 24.51
C VAL A 371 17.81 -1.96 25.35
N LEU A 372 18.37 -3.05 24.82
CA LEU A 372 19.37 -3.82 25.57
C LEU A 372 20.64 -3.00 25.87
N THR A 373 21.14 -2.26 24.88
CA THR A 373 22.37 -1.50 25.06
C THR A 373 22.16 -0.30 25.95
N LYS A 374 21.00 0.35 25.86
CA LYS A 374 20.69 1.44 26.79
C LYS A 374 20.63 0.96 28.27
N TYR A 375 20.00 -0.18 28.55
CA TYR A 375 19.97 -0.68 29.93
C TYR A 375 21.38 -0.99 30.38
N TRP A 376 22.12 -1.66 29.51
CA TRP A 376 23.48 -2.11 29.86
C TRP A 376 24.35 -0.90 30.21
N ASN A 377 24.33 0.10 29.36
CA ASN A 377 25.11 1.30 29.58
C ASN A 377 24.72 2.09 30.84
N ARG A 378 23.46 2.00 31.27
CA ARG A 378 23.06 2.76 32.44
C ARG A 378 23.38 2.03 33.75
N TYR A 379 23.11 0.73 33.81
CA TYR A 379 23.09 0.01 35.07
C TYR A 379 24.11 -1.11 35.19
N HIS A 380 24.60 -1.60 34.05
CA HIS A 380 25.53 -2.74 34.00
C HIS A 380 25.06 -3.95 34.75
N LEU A 381 23.74 -4.19 34.73
CA LEU A 381 23.16 -5.44 35.23
C LEU A 381 22.92 -6.37 34.05
N TYR A 382 23.18 -7.66 34.24
CA TYR A 382 22.89 -8.62 33.17
C TYR A 382 21.37 -8.74 32.91
N MET A 383 21.05 -9.20 31.69
CA MET A 383 19.68 -9.21 31.20
C MET A 383 19.35 -10.55 30.56
N TYR A 384 18.06 -10.87 30.57
CA TYR A 384 17.48 -11.88 29.70
C TYR A 384 16.45 -11.16 28.87
N VAL A 385 16.29 -11.56 27.61
CA VAL A 385 15.14 -11.09 26.84
C VAL A 385 14.04 -12.04 27.29
N THR A 386 13.15 -11.53 28.14
CA THR A 386 12.14 -12.36 28.75
C THR A 386 10.85 -12.46 27.92
N GLU A 387 10.65 -11.55 26.95
CA GLU A 387 9.54 -11.69 25.98
C GLU A 387 9.89 -11.04 24.69
N ASN A 388 9.49 -11.69 23.60
CA ASN A 388 9.60 -11.14 22.27
C ASN A 388 8.83 -12.08 21.39
N GLY A 389 7.88 -11.56 20.64
CA GLY A 389 7.13 -12.41 19.73
C GLY A 389 6.13 -11.61 18.93
N ILE A 390 5.22 -12.30 18.27
CA ILE A 390 4.31 -11.64 17.34
C ILE A 390 2.97 -12.37 17.28
N ALA A 391 1.90 -11.62 17.17
CA ALA A 391 0.58 -12.20 16.96
C ALA A 391 0.46 -12.51 15.46
N ASP A 392 0.38 -13.81 15.13
CA ASP A 392 0.49 -14.22 13.74
C ASP A 392 0.00 -15.67 13.61
N ASP A 393 -1.30 -15.86 13.48
CA ASP A 393 -1.87 -17.21 13.43
C ASP A 393 -1.37 -17.94 12.18
N ALA A 394 -1.26 -17.21 11.07
CA ALA A 394 -0.84 -17.82 9.77
C ALA A 394 0.64 -18.19 9.70
N ASP A 395 1.46 -17.59 10.56
CA ASP A 395 2.93 -17.78 10.55
C ASP A 395 3.63 -17.09 9.37
N TYR A 396 3.01 -16.06 8.78
CA TYR A 396 3.60 -15.39 7.63
C TYR A 396 4.87 -14.61 8.01
N GLN A 397 4.80 -13.87 9.13
CA GLN A 397 5.85 -12.93 9.54
C GLN A 397 6.79 -13.50 10.59
N ARG A 398 6.27 -14.38 11.44
CA ARG A 398 7.07 -14.94 12.55
C ARG A 398 8.49 -15.48 12.24
N PRO A 399 8.70 -16.26 11.16
CA PRO A 399 10.06 -16.70 10.84
C PRO A 399 11.04 -15.52 10.73
N TYR A 400 10.64 -14.44 10.06
CA TYR A 400 11.43 -13.21 9.95
C TYR A 400 11.53 -12.49 11.31
N TYR A 401 10.41 -12.42 12.04
CA TYR A 401 10.37 -11.69 13.32
C TYR A 401 11.36 -12.37 14.28
N LEU A 402 11.28 -13.70 14.35
CA LEU A 402 12.13 -14.51 15.21
C LEU A 402 13.62 -14.31 14.87
N VAL A 403 13.98 -14.59 13.63
CA VAL A 403 15.40 -14.55 13.27
C VAL A 403 15.98 -13.12 13.42
N SER A 404 15.21 -12.12 13.00
CA SER A 404 15.65 -10.72 13.08
C SER A 404 15.92 -10.30 14.51
N HIS A 405 15.03 -10.66 15.44
CA HIS A 405 15.22 -10.22 16.83
C HIS A 405 16.35 -10.96 17.50
N VAL A 406 16.49 -12.24 17.18
CA VAL A 406 17.57 -13.03 17.72
C VAL A 406 18.90 -12.41 17.26
N TYR A 407 18.96 -12.03 15.97
CA TYR A 407 20.14 -11.32 15.45
C TYR A 407 20.44 -10.04 16.26
N GLN A 408 19.41 -9.27 16.61
CA GLN A 408 19.67 -8.04 17.37
C GLN A 408 20.24 -8.33 18.77
N VAL A 409 19.83 -9.45 19.37
CA VAL A 409 20.44 -9.89 20.61
C VAL A 409 21.93 -10.19 20.42
N HIS A 410 22.27 -10.96 19.38
CA HIS A 410 23.66 -11.24 19.03
C HIS A 410 24.45 -9.94 18.86
N ARG A 411 23.84 -8.99 18.16
CA ARG A 411 24.40 -7.65 18.03
C ARG A 411 24.67 -6.95 19.38
N ALA A 412 23.69 -7.01 20.29
CA ALA A 412 23.87 -6.40 21.62
C ALA A 412 25.05 -7.04 22.38
N ILE A 413 25.12 -8.36 22.35
CA ILE A 413 26.19 -9.07 23.04
C ILE A 413 27.54 -8.65 22.43
N ASN A 414 27.59 -8.60 21.09
CA ASN A 414 28.78 -8.16 20.35
C ASN A 414 29.25 -6.77 20.80
N SER A 415 28.30 -5.91 21.16
CA SER A 415 28.62 -4.57 21.66
C SER A 415 29.08 -4.55 23.13
N GLY A 416 29.02 -5.69 23.81
CA GLY A 416 29.49 -5.78 25.19
C GLY A 416 28.43 -6.03 26.26
N ALA A 417 27.15 -5.93 25.88
CA ALA A 417 26.03 -6.12 26.82
C ALA A 417 25.93 -7.56 27.30
N ASP A 418 25.73 -7.75 28.61
CA ASP A 418 25.67 -9.08 29.18
C ASP A 418 24.21 -9.60 29.10
N VAL A 419 23.89 -10.32 28.03
CA VAL A 419 22.53 -10.86 27.81
C VAL A 419 22.68 -12.35 27.78
N ARG A 420 21.89 -13.03 28.61
CA ARG A 420 22.17 -14.42 28.95
C ARG A 420 21.16 -15.38 28.38
N GLY A 421 20.10 -14.84 27.75
CA GLY A 421 19.13 -15.73 27.14
C GLY A 421 18.10 -14.95 26.37
N TYR A 422 17.36 -15.69 25.54
CA TYR A 422 16.27 -15.15 24.74
C TYR A 422 15.09 -16.10 24.94
N LEU A 423 13.99 -15.57 25.45
CA LEU A 423 12.78 -16.33 25.70
C LEU A 423 11.64 -15.76 24.85
N HIS A 424 11.22 -16.56 23.88
CA HIS A 424 10.19 -16.14 22.96
C HIS A 424 8.82 -16.12 23.67
N TRP A 425 7.98 -15.14 23.36
CA TRP A 425 6.58 -15.17 23.76
C TRP A 425 5.77 -15.64 22.54
N SER A 426 5.25 -16.86 22.52
CA SER A 426 5.35 -17.84 23.60
C SER A 426 5.51 -19.24 22.95
N LEU A 427 5.68 -20.28 23.77
CA LEU A 427 5.71 -21.64 23.23
C LEU A 427 4.43 -21.99 22.44
N ALA A 428 3.25 -21.75 23.03
CA ALA A 428 1.97 -22.05 22.39
C ALA A 428 1.03 -20.84 22.49
N ASP A 429 0.00 -20.81 21.63
CA ASP A 429 -1.06 -19.85 21.73
C ASP A 429 -1.65 -19.85 23.14
N ASN A 430 -2.17 -18.69 23.54
CA ASN A 430 -2.78 -18.56 24.86
C ASN A 430 -3.81 -17.43 24.92
N TYR A 431 -4.39 -17.22 26.11
CA TYR A 431 -5.46 -16.27 26.33
C TYR A 431 -4.86 -14.87 26.36
N GLU A 432 -5.05 -14.07 25.31
CA GLU A 432 -4.45 -12.71 25.24
C GLU A 432 -5.33 -11.68 25.97
N TRP A 433 -5.43 -11.85 27.29
CA TRP A 433 -6.11 -10.85 28.14
C TRP A 433 -7.49 -10.36 27.62
N ALA A 434 -7.69 -9.05 27.50
CA ALA A 434 -9.00 -8.53 27.10
C ALA A 434 -9.35 -8.93 25.63
N SER A 435 -8.34 -9.24 24.83
CA SER A 435 -8.47 -9.60 23.40
C SER A 435 -8.89 -11.05 23.20
N GLY A 436 -8.74 -11.88 24.23
CA GLY A 436 -9.21 -13.26 24.12
C GLY A 436 -8.23 -14.14 23.34
N PHE A 437 -8.77 -15.18 22.70
CA PHE A 437 -7.91 -16.16 22.06
C PHE A 437 -7.46 -15.81 20.63
N SER A 438 -8.02 -14.76 20.05
CA SER A 438 -7.85 -14.50 18.61
C SER A 438 -6.40 -14.06 18.29
N MET A 439 -5.69 -13.51 19.28
CA MET A 439 -4.29 -13.12 19.09
C MET A 439 -3.37 -14.28 19.45
N ARG A 440 -2.74 -14.84 18.42
CA ARG A 440 -2.02 -16.09 18.56
C ARG A 440 -0.51 -15.88 18.47
N PHE A 441 0.15 -15.98 19.62
CA PHE A 441 1.61 -15.74 19.71
C PHE A 441 2.51 -16.98 19.71
N GLY A 442 1.92 -18.16 19.65
CA GLY A 442 2.69 -19.37 19.78
C GLY A 442 3.61 -19.74 18.60
N LEU A 443 4.77 -20.28 18.96
CA LEU A 443 5.55 -21.08 18.02
C LEU A 443 4.72 -22.33 17.68
N LEU A 444 3.87 -22.75 18.63
CA LEU A 444 2.93 -23.86 18.44
C LEU A 444 1.49 -23.34 18.40
N LYS A 445 0.76 -23.80 17.39
CA LYS A 445 -0.62 -23.46 17.18
C LYS A 445 -1.46 -24.35 18.10
N VAL A 446 -2.45 -23.76 18.78
CA VAL A 446 -3.37 -24.52 19.66
C VAL A 446 -4.73 -24.68 18.99
N ASP A 447 -5.22 -25.92 18.89
CA ASP A 447 -6.62 -26.15 18.56
C ASP A 447 -7.34 -26.14 19.90
N TYR A 448 -8.15 -25.11 20.16
CA TYR A 448 -8.79 -24.98 21.48
C TYR A 448 -9.92 -26.02 21.75
N ASN A 449 -10.42 -26.64 20.70
CA ASN A 449 -11.43 -27.68 20.81
C ASN A 449 -10.84 -28.96 21.39
N THR A 450 -9.59 -29.30 21.05
CA THR A 450 -9.01 -30.61 21.42
C THR A 450 -7.77 -30.41 22.28
N LYS A 451 -7.32 -29.16 22.41
CA LYS A 451 -6.06 -28.82 23.10
C LYS A 451 -4.79 -29.38 22.46
N ARG A 452 -4.91 -29.85 21.21
CA ARG A 452 -3.77 -30.35 20.44
C ARG A 452 -2.84 -29.18 20.05
N LEU A 453 -1.53 -29.43 20.06
CA LEU A 453 -0.50 -28.47 19.66
C LEU A 453 0.12 -28.86 18.31
N TYR A 454 0.29 -27.87 17.43
CA TYR A 454 0.91 -28.10 16.10
C TYR A 454 2.11 -27.20 15.97
N TRP A 455 3.11 -27.66 15.24
CA TRP A 455 4.32 -26.89 15.00
C TRP A 455 4.10 -26.01 13.79
N ARG A 456 4.02 -24.71 14.00
CA ARG A 456 4.09 -23.77 12.89
C ARG A 456 5.54 -23.83 12.35
N PRO A 457 5.76 -23.55 11.09
CA PRO A 457 7.14 -23.56 10.54
C PRO A 457 8.15 -22.75 11.34
N SER A 458 7.74 -21.64 11.96
CA SER A 458 8.68 -20.90 12.84
C SER A 458 9.26 -21.72 13.99
N ALA A 459 8.48 -22.68 14.51
CA ALA A 459 8.97 -23.62 15.50
C ALA A 459 10.11 -24.50 14.96
N LEU A 460 10.02 -24.93 13.71
CA LEU A 460 11.12 -25.65 13.08
C LEU A 460 12.35 -24.74 12.91
N VAL A 461 12.11 -23.47 12.57
CA VAL A 461 13.17 -22.47 12.47
C VAL A 461 13.80 -22.28 13.85
N TYR A 462 12.98 -22.14 14.89
CA TYR A 462 13.53 -21.91 16.24
C TYR A 462 14.32 -23.14 16.70
N ARG A 463 13.87 -24.32 16.32
CA ARG A 463 14.61 -25.52 16.68
C ARG A 463 16.01 -25.48 16.05
N GLU A 464 16.07 -24.98 14.82
CA GLU A 464 17.38 -24.79 14.15
C GLU A 464 18.28 -23.91 14.99
N ILE A 465 17.76 -22.77 15.42
CA ILE A 465 18.53 -21.80 16.23
C ILE A 465 18.99 -22.41 17.55
N ALA A 466 18.04 -23.00 18.27
CA ALA A 466 18.26 -23.45 19.63
C ALA A 466 19.22 -24.64 19.67
N THR A 467 19.01 -25.64 18.80
CA THR A 467 19.88 -26.81 18.81
C THR A 467 21.30 -26.45 18.40
N ASN A 468 21.45 -25.48 17.50
CA ASN A 468 22.78 -25.03 17.09
C ASN A 468 23.41 -23.92 17.93
N GLY A 469 22.64 -23.32 18.82
CA GLY A 469 23.09 -22.15 19.55
C GLY A 469 23.52 -21.04 18.62
N ALA A 470 22.82 -20.88 17.49
CA ALA A 470 23.21 -19.91 16.47
C ALA A 470 22.10 -19.68 15.45
N ILE A 471 22.08 -18.51 14.83
CA ILE A 471 21.40 -18.37 13.54
C ILE A 471 22.31 -19.04 12.51
N THR A 472 21.89 -20.15 11.96
CA THR A 472 22.75 -20.89 11.02
C THR A 472 22.82 -20.21 9.66
N ASP A 473 23.83 -20.56 8.89
CA ASP A 473 23.98 -20.02 7.54
C ASP A 473 22.71 -20.22 6.73
N GLU A 474 22.11 -21.39 6.87
CA GLU A 474 20.94 -21.71 6.04
C GLU A 474 19.66 -20.90 6.27
N ILE A 475 19.53 -20.29 7.46
CA ILE A 475 18.31 -19.51 7.75
C ILE A 475 18.59 -18.01 7.89
N GLU A 476 19.80 -17.61 7.49
CA GLU A 476 20.26 -16.23 7.72
C GLU A 476 19.50 -15.17 6.94
N HIS A 477 18.87 -15.62 5.86
CA HIS A 477 18.10 -14.73 5.03
C HIS A 477 16.86 -14.22 5.79
N LEU A 478 16.42 -14.93 6.82
CA LEU A 478 15.26 -14.50 7.61
C LEU A 478 15.57 -13.30 8.52
N ASN A 479 16.84 -12.90 8.55
CA ASN A 479 17.21 -11.66 9.23
C ASN A 479 16.90 -10.51 8.29
N SER A 480 15.60 -10.28 8.03
CA SER A 480 15.11 -9.26 7.09
C SER A 480 13.65 -8.96 7.39
N VAL A 481 13.11 -7.90 6.77
CA VAL A 481 11.70 -7.52 6.88
C VAL A 481 10.81 -8.43 6.02
N PRO A 482 9.71 -8.97 6.56
CA PRO A 482 8.77 -9.72 5.72
C PRO A 482 8.43 -8.90 4.47
N PRO A 483 8.49 -9.49 3.29
CA PRO A 483 8.11 -8.75 2.06
C PRO A 483 6.67 -8.24 2.19
N VAL A 484 6.45 -6.93 2.03
CA VAL A 484 5.10 -6.37 2.16
C VAL A 484 4.23 -6.50 0.91
N LYS A 485 4.84 -6.58 -0.26
CA LYS A 485 4.03 -6.64 -1.50
C LYS A 485 2.96 -7.78 -1.48
N PRO A 486 3.29 -8.99 -1.05
CA PRO A 486 2.25 -10.04 -0.97
C PRO A 486 1.30 -9.97 0.23
N LEU A 487 1.59 -9.11 1.20
CA LEU A 487 0.75 -8.97 2.41
C LEU A 487 -0.33 -7.91 2.24
N ARG A 488 -1.32 -7.96 3.12
CA ARG A 488 -2.35 -6.94 3.14
C ARG A 488 -1.77 -5.56 3.44
N HIS A 489 -2.26 -4.56 2.71
CA HIS A 489 -2.03 -3.14 3.01
C HIS A 489 -3.40 -2.55 3.51
N MET B 1 -10.30 30.44 -7.91
CA MET B 1 -10.67 30.55 -9.35
C MET B 1 -9.43 30.31 -10.20
N TYR B 2 -9.59 29.54 -11.28
CA TYR B 2 -8.63 29.52 -12.38
C TYR B 2 -9.43 29.76 -13.64
N SER B 3 -9.35 31.00 -14.16
CA SER B 3 -10.13 31.42 -15.31
C SER B 3 -9.35 31.24 -16.60
N PHE B 4 -10.03 30.82 -17.65
CA PHE B 4 -9.39 30.64 -18.95
C PHE B 4 -9.70 31.83 -19.85
N PRO B 5 -8.87 32.08 -20.86
CA PRO B 5 -9.17 33.09 -21.89
C PRO B 5 -10.59 32.95 -22.42
N ASN B 6 -11.18 34.06 -22.84
CA ASN B 6 -12.56 34.04 -23.33
C ASN B 6 -12.73 33.18 -24.59
N SER B 7 -11.64 32.98 -25.32
CA SER B 7 -11.69 32.24 -26.58
C SER B 7 -11.46 30.73 -26.40
N PHE B 8 -11.00 30.34 -25.21
CA PHE B 8 -10.64 28.93 -24.91
C PHE B 8 -11.88 28.05 -24.90
N ARG B 9 -11.79 26.86 -25.50
CA ARG B 9 -12.97 25.98 -25.52
C ARG B 9 -12.71 24.67 -24.80
N PHE B 10 -13.73 24.21 -24.08
CA PHE B 10 -13.71 22.88 -23.49
C PHE B 10 -14.58 21.97 -24.31
N GLY B 11 -14.09 20.76 -24.57
CA GLY B 11 -14.83 19.83 -25.39
C GLY B 11 -14.41 18.39 -25.13
N TRP B 12 -14.51 17.58 -26.19
CA TRP B 12 -14.15 16.16 -26.13
C TRP B 12 -13.63 15.66 -27.46
N SER B 13 -12.94 14.52 -27.40
CA SER B 13 -12.50 13.80 -28.57
C SER B 13 -13.12 12.38 -28.57
N GLN B 14 -13.27 11.81 -29.78
CA GLN B 14 -13.95 10.56 -30.02
C GLN B 14 -13.37 10.04 -31.36
N ALA B 15 -13.40 8.71 -31.56
CA ALA B 15 -12.90 8.06 -32.77
C ALA B 15 -14.01 7.24 -33.41
N GLY B 16 -13.96 7.13 -34.74
CA GLY B 16 -15.04 6.45 -35.47
C GLY B 16 -15.22 5.00 -35.09
N PHE B 17 -14.14 4.24 -35.14
CA PHE B 17 -14.17 2.81 -34.89
C PHE B 17 -14.60 2.50 -33.46
N GLN B 18 -14.22 3.37 -32.53
CA GLN B 18 -14.48 3.10 -31.13
C GLN B 18 -15.91 3.42 -30.75
N SER B 19 -16.53 4.41 -31.39
CA SER B 19 -17.88 4.82 -30.94
C SER B 19 -19.04 4.64 -31.93
N GLU B 20 -18.74 4.53 -33.23
CA GLU B 20 -19.83 4.57 -34.23
C GLU B 20 -20.76 3.37 -34.13
N MET B 21 -20.22 2.15 -34.09
CA MET B 21 -21.08 0.97 -34.23
C MET B 21 -21.84 0.66 -32.95
N GLY B 22 -22.95 -0.05 -33.12
CA GLY B 22 -23.79 -0.49 -32.02
C GLY B 22 -25.27 -0.33 -32.32
N THR B 23 -25.59 0.55 -33.26
CA THR B 23 -26.99 0.68 -33.70
C THR B 23 -27.22 -0.09 -35.02
N PRO B 24 -28.45 -0.57 -35.24
CA PRO B 24 -28.77 -1.36 -36.45
C PRO B 24 -28.31 -0.65 -37.71
N GLY B 25 -27.62 -1.35 -38.61
CA GLY B 25 -27.19 -0.73 -39.85
C GLY B 25 -25.90 0.09 -39.79
N SER B 26 -25.21 0.10 -38.63
CA SER B 26 -23.99 0.92 -38.49
C SER B 26 -22.71 0.14 -38.76
N GLU B 27 -22.82 -1.18 -38.95
CA GLU B 27 -21.63 -2.01 -39.01
C GLU B 27 -20.70 -1.64 -40.18
N ASP B 28 -19.42 -1.57 -39.88
CA ASP B 28 -18.39 -1.37 -40.87
C ASP B 28 -17.40 -2.51 -40.74
N PRO B 29 -17.62 -3.57 -41.52
CA PRO B 29 -16.76 -4.75 -41.48
C PRO B 29 -15.51 -4.61 -42.35
N ASN B 30 -15.30 -3.45 -42.94
CA ASN B 30 -14.25 -3.32 -43.98
C ASN B 30 -12.89 -2.73 -43.59
N THR B 31 -12.47 -2.88 -42.33
CA THR B 31 -11.15 -2.41 -41.92
C THR B 31 -10.22 -3.50 -41.46
N ASP B 32 -8.93 -3.20 -41.51
CA ASP B 32 -7.95 -4.04 -40.85
C ASP B 32 -8.31 -4.32 -39.40
N TRP B 33 -8.71 -3.28 -38.66
CA TRP B 33 -9.00 -3.43 -37.23
C TRP B 33 -10.21 -4.32 -36.99
N TYR B 34 -11.24 -4.18 -37.82
CA TYR B 34 -12.40 -5.07 -37.70
C TYR B 34 -11.99 -6.53 -37.89
N LYS B 35 -11.23 -6.83 -38.93
CA LYS B 35 -10.79 -8.20 -39.18
C LYS B 35 -9.90 -8.68 -37.99
N TRP B 36 -9.03 -7.79 -37.54
CA TRP B 36 -8.06 -8.12 -36.49
C TRP B 36 -8.78 -8.58 -35.22
N VAL B 37 -9.79 -7.86 -34.80
CA VAL B 37 -10.47 -8.19 -33.52
C VAL B 37 -11.42 -9.37 -33.64
N HIS B 38 -11.78 -9.74 -34.88
CA HIS B 38 -12.65 -10.91 -35.11
C HIS B 38 -11.85 -12.18 -35.34
N ASP B 39 -10.54 -12.03 -35.51
CA ASP B 39 -9.72 -13.16 -35.91
C ASP B 39 -9.67 -14.28 -34.84
N PRO B 40 -10.03 -15.51 -35.22
CA PRO B 40 -10.02 -16.63 -34.27
C PRO B 40 -8.67 -16.87 -33.57
N GLU B 41 -7.57 -16.79 -34.32
CA GLU B 41 -6.26 -17.00 -33.71
C GLU B 41 -5.89 -15.87 -32.74
N ASN B 42 -6.17 -14.62 -33.12
CA ASN B 42 -5.91 -13.49 -32.22
C ASN B 42 -6.71 -13.65 -30.89
N MET B 43 -7.97 -14.07 -31.02
CA MET B 43 -8.80 -14.30 -29.86
C MET B 43 -8.24 -15.41 -28.97
N ALA B 44 -7.86 -16.55 -29.56
CA ALA B 44 -7.36 -17.64 -28.73
C ALA B 44 -6.03 -17.28 -28.05
N ALA B 45 -5.21 -16.43 -28.68
CA ALA B 45 -3.94 -16.04 -28.09
C ALA B 45 -4.14 -14.97 -26.98
N GLY B 46 -5.35 -14.42 -26.87
CA GLY B 46 -5.62 -13.30 -25.98
C GLY B 46 -5.05 -11.98 -26.45
N LEU B 47 -4.67 -11.89 -27.73
CA LEU B 47 -4.16 -10.61 -28.26
C LEU B 47 -5.26 -9.58 -28.28
N VAL B 48 -6.49 -10.04 -28.50
CA VAL B 48 -7.65 -9.15 -28.50
C VAL B 48 -8.60 -9.75 -27.49
N SER B 49 -9.49 -8.94 -26.99
CA SER B 49 -10.32 -9.31 -25.84
C SER B 49 -11.46 -10.27 -26.12
N GLY B 50 -11.93 -10.30 -27.36
CA GLY B 50 -13.11 -11.09 -27.65
C GLY B 50 -14.33 -10.22 -27.77
N ASP B 51 -14.26 -8.99 -27.22
CA ASP B 51 -15.30 -8.00 -27.45
C ASP B 51 -15.25 -7.53 -28.90
N LEU B 52 -16.41 -7.20 -29.45
CA LEU B 52 -16.55 -6.81 -30.86
C LEU B 52 -17.14 -5.38 -30.98
N PRO B 53 -16.60 -4.56 -31.87
CA PRO B 53 -17.01 -3.15 -31.95
C PRO B 53 -18.46 -2.96 -32.37
N GLU B 54 -19.04 -3.92 -33.09
CA GLU B 54 -20.43 -3.80 -33.56
C GLU B 54 -21.41 -3.88 -32.39
N ASN B 55 -20.90 -4.16 -31.18
CA ASN B 55 -21.74 -4.13 -29.98
C ASN B 55 -21.50 -2.85 -29.14
N GLY B 56 -21.06 -1.79 -29.82
CA GLY B 56 -20.60 -0.56 -29.16
C GLY B 56 -21.65 0.47 -28.82
N PRO B 57 -21.21 1.69 -28.53
CA PRO B 57 -22.11 2.71 -27.95
C PRO B 57 -23.11 3.28 -28.96
N GLY B 58 -22.92 3.01 -30.25
CA GLY B 58 -23.87 3.45 -31.26
C GLY B 58 -23.95 4.91 -31.62
N TYR B 59 -22.83 5.59 -31.76
CA TYR B 59 -22.84 6.99 -32.18
C TYR B 59 -23.43 7.19 -33.60
N TRP B 60 -23.20 6.21 -34.49
CA TRP B 60 -23.77 6.28 -35.86
C TRP B 60 -25.27 6.55 -35.85
N GLY B 61 -26.01 5.80 -35.05
CA GLY B 61 -27.43 6.05 -34.91
C GLY B 61 -27.86 7.05 -33.85
N ASN B 62 -27.07 7.20 -32.79
CA ASN B 62 -27.48 8.01 -31.63
C ASN B 62 -26.82 9.35 -31.47
N TYR B 63 -26.10 9.80 -32.50
CA TYR B 63 -25.35 11.03 -32.46
C TYR B 63 -26.07 12.23 -31.88
N LYS B 64 -27.39 12.37 -32.14
CA LYS B 64 -28.17 13.51 -31.62
C LYS B 64 -28.20 13.56 -30.09
N THR B 65 -28.41 12.41 -29.47
CA THR B 65 -28.33 12.23 -28.02
C THR B 65 -26.94 12.52 -27.43
N PHE B 66 -25.87 12.08 -28.10
CA PHE B 66 -24.50 12.40 -27.68
C PHE B 66 -24.36 13.92 -27.65
N HIS B 67 -24.82 14.56 -28.72
CA HIS B 67 -24.63 15.99 -28.89
C HIS B 67 -25.54 16.77 -27.91
N ASP B 68 -26.73 16.26 -27.61
CA ASP B 68 -27.63 16.87 -26.64
C ASP B 68 -26.91 16.97 -25.27
N ASN B 69 -26.27 15.89 -24.88
CA ASN B 69 -25.55 15.81 -23.61
C ASN B 69 -24.31 16.68 -23.58
N ALA B 70 -23.57 16.70 -24.68
CA ALA B 70 -22.45 17.61 -24.81
C ALA B 70 -22.88 19.07 -24.70
N GLN B 71 -24.02 19.43 -25.31
CA GLN B 71 -24.51 20.81 -25.23
C GLN B 71 -24.93 21.15 -23.79
N LYS B 72 -25.67 20.23 -23.15
CA LYS B 72 -26.08 20.36 -21.75
C LYS B 72 -24.86 20.51 -20.82
N MET B 73 -23.73 19.95 -21.22
CA MET B 73 -22.54 19.95 -20.41
C MET B 73 -21.71 21.20 -20.68
N GLY B 74 -22.16 22.05 -21.61
CA GLY B 74 -21.51 23.33 -21.88
C GLY B 74 -20.30 23.24 -22.78
N LEU B 75 -20.14 22.11 -23.45
CA LEU B 75 -18.99 21.91 -24.32
C LEU B 75 -19.09 22.77 -25.58
N LYS B 76 -17.95 23.18 -26.12
CA LYS B 76 -17.95 24.13 -27.23
C LYS B 76 -17.00 23.69 -28.35
N ILE B 77 -16.38 22.51 -28.22
CA ILE B 77 -15.45 22.01 -29.22
C ILE B 77 -15.52 20.46 -29.29
N ALA B 78 -15.30 19.90 -30.48
CA ALA B 78 -15.28 18.44 -30.65
C ALA B 78 -14.27 18.06 -31.69
N ARG B 79 -13.58 16.95 -31.47
CA ARG B 79 -12.73 16.41 -32.51
C ARG B 79 -13.09 14.94 -32.75
N LEU B 80 -13.45 14.65 -34.01
CA LEU B 80 -13.95 13.33 -34.45
C LEU B 80 -13.19 12.99 -35.71
N ASN B 81 -13.21 11.73 -36.14
CA ASN B 81 -12.73 11.39 -37.49
C ASN B 81 -13.82 10.80 -38.37
N VAL B 82 -13.61 10.89 -39.67
CA VAL B 82 -14.33 10.06 -40.66
C VAL B 82 -13.55 8.75 -40.80
N GLU B 83 -14.26 7.64 -40.89
CA GLU B 83 -13.60 6.39 -41.18
C GLU B 83 -13.44 6.21 -42.72
N TRP B 84 -12.19 6.32 -43.17
CA TRP B 84 -11.75 6.03 -44.54
C TRP B 84 -12.51 4.84 -45.18
N SER B 85 -12.55 3.72 -44.45
CA SER B 85 -13.20 2.50 -44.91
C SER B 85 -14.68 2.67 -45.24
N ARG B 86 -15.37 3.57 -44.54
CA ARG B 86 -16.79 3.79 -44.82
C ARG B 86 -16.98 4.57 -46.13
N ILE B 87 -16.04 5.44 -46.44
CA ILE B 87 -16.13 6.28 -47.65
C ILE B 87 -15.68 5.51 -48.87
N PHE B 88 -14.57 4.78 -48.75
CA PHE B 88 -14.07 3.95 -49.82
C PHE B 88 -13.95 2.47 -49.43
N PRO B 89 -15.08 1.80 -49.31
CA PRO B 89 -15.07 0.38 -48.93
C PRO B 89 -14.44 -0.56 -49.95
N ASN B 90 -14.40 -0.16 -51.23
CA ASN B 90 -13.83 -0.97 -52.31
C ASN B 90 -12.57 -0.31 -52.87
N PRO B 91 -11.70 -1.06 -53.54
CA PRO B 91 -10.44 -0.50 -53.98
C PRO B 91 -10.64 0.56 -55.05
N LEU B 92 -9.70 1.48 -55.09
CA LEU B 92 -9.68 2.45 -56.19
C LEU B 92 -8.73 1.97 -57.27
N PRO B 93 -8.87 2.50 -58.48
CA PRO B 93 -8.00 2.12 -59.60
C PRO B 93 -6.55 2.43 -59.28
N ARG B 94 -5.59 1.55 -59.60
CA ARG B 94 -4.16 1.80 -59.40
C ARG B 94 -3.80 3.05 -60.19
N PRO B 95 -3.16 4.04 -59.57
CA PRO B 95 -2.83 5.30 -60.26
C PRO B 95 -1.76 5.20 -61.35
N PHE B 98 2.83 6.44 -61.06
CA PHE B 98 3.18 6.07 -59.69
C PHE B 98 4.02 4.79 -59.59
N ASP B 99 5.23 4.94 -59.05
CA ASP B 99 6.21 3.87 -58.92
C ASP B 99 6.32 3.39 -57.46
N GLU B 100 5.74 2.23 -57.17
CA GLU B 100 5.69 1.68 -55.81
C GLU B 100 7.06 1.32 -55.24
N SER B 101 8.06 1.20 -56.11
CA SER B 101 9.43 0.88 -55.70
C SER B 101 10.19 2.09 -55.14
N LYS B 102 9.73 3.31 -55.45
CA LYS B 102 10.33 4.56 -54.95
C LYS B 102 10.07 4.71 -53.46
N GLN B 103 11.15 4.96 -52.71
CA GLN B 103 11.12 5.15 -51.26
C GLN B 103 10.36 6.43 -50.87
N ASP B 104 10.64 7.54 -51.54
CA ASP B 104 9.98 8.81 -51.22
C ASP B 104 8.75 9.13 -52.05
N VAL B 105 7.75 9.73 -51.39
CA VAL B 105 6.60 10.33 -52.04
C VAL B 105 6.68 11.83 -51.75
N THR B 106 7.24 12.59 -52.70
CA THR B 106 7.47 14.03 -52.54
C THR B 106 6.29 14.85 -53.01
N GLU B 107 5.45 14.27 -53.87
CA GLU B 107 4.32 15.00 -54.43
C GLU B 107 3.21 14.04 -54.79
N VAL B 108 1.98 14.48 -54.56
CA VAL B 108 0.78 13.79 -55.03
C VAL B 108 -0.10 14.84 -55.67
N GLU B 109 -0.22 14.76 -57.00
CA GLU B 109 -1.03 15.73 -57.71
C GLU B 109 -2.50 15.40 -57.55
N ILE B 110 -3.25 16.37 -57.03
CA ILE B 110 -4.69 16.23 -56.97
C ILE B 110 -5.28 17.52 -57.52
N ASN B 111 -6.20 17.36 -58.47
CA ASN B 111 -6.89 18.49 -59.06
C ASN B 111 -8.37 18.23 -59.05
N GLU B 112 -9.14 19.22 -59.50
CA GLU B 112 -10.58 19.11 -59.43
C GLU B 112 -11.12 17.93 -60.23
N ASN B 113 -10.54 17.67 -61.40
CA ASN B 113 -10.95 16.54 -62.23
C ASN B 113 -10.74 15.21 -61.51
N GLU B 114 -9.56 15.05 -60.90
CA GLU B 114 -9.23 13.89 -60.08
C GLU B 114 -10.24 13.69 -58.94
N LEU B 115 -10.58 14.77 -58.25
CA LEU B 115 -11.54 14.74 -57.15
C LEU B 115 -12.90 14.26 -57.59
N LYS B 116 -13.33 14.75 -58.76
CA LYS B 116 -14.61 14.36 -59.34
C LYS B 116 -14.64 12.87 -59.73
N ARG B 117 -13.50 12.33 -60.18
CA ARG B 117 -13.38 10.88 -60.46
C ARG B 117 -13.47 10.05 -59.17
N LEU B 118 -12.70 10.45 -58.15
CA LEU B 118 -12.75 9.83 -56.83
C LEU B 118 -14.19 9.81 -56.34
N ASP B 119 -14.88 10.91 -56.58
CA ASP B 119 -16.26 11.03 -56.16
C ASP B 119 -17.16 9.91 -56.71
N GLU B 120 -16.81 9.34 -57.86
CA GLU B 120 -17.58 8.23 -58.45
C GLU B 120 -17.47 6.95 -57.62
N TYR B 121 -16.38 6.79 -56.87
CA TYR B 121 -16.16 5.59 -56.07
C TYR B 121 -16.61 5.68 -54.60
N ALA B 122 -16.91 6.90 -54.16
CA ALA B 122 -17.22 7.13 -52.75
C ALA B 122 -18.59 6.62 -52.39
N ASN B 123 -18.76 6.08 -51.19
CA ASN B 123 -20.07 5.67 -50.73
C ASN B 123 -20.92 6.88 -50.33
N LYS B 124 -22.05 7.05 -51.03
CA LYS B 124 -22.85 8.26 -50.90
C LYS B 124 -23.67 8.24 -49.61
N ASP B 125 -24.14 7.06 -49.21
CA ASP B 125 -24.91 6.93 -47.97
C ASP B 125 -24.03 7.35 -46.78
N ALA B 126 -22.78 6.85 -46.77
CA ALA B 126 -21.82 7.16 -45.70
C ALA B 126 -21.54 8.66 -45.69
N LEU B 127 -21.27 9.21 -46.87
CA LEU B 127 -20.98 10.64 -46.98
C LEU B 127 -22.15 11.47 -46.46
N ASN B 128 -23.36 11.13 -46.89
CA ASN B 128 -24.53 11.90 -46.47
C ASN B 128 -24.76 11.76 -44.97
N HIS B 129 -24.54 10.56 -44.43
CA HIS B 129 -24.72 10.35 -43.00
C HIS B 129 -23.73 11.19 -42.17
N TYR B 130 -22.46 11.20 -42.55
CA TYR B 130 -21.47 12.05 -41.89
C TYR B 130 -21.86 13.53 -41.98
N ARG B 131 -22.38 13.95 -43.14
CA ARG B 131 -22.85 15.33 -43.25
C ARG B 131 -23.92 15.56 -42.22
N GLU B 132 -24.83 14.61 -42.05
CA GLU B 132 -25.94 14.78 -41.11
C GLU B 132 -25.42 14.88 -39.66
N ILE B 133 -24.40 14.07 -39.36
CA ILE B 133 -23.81 14.06 -38.02
C ILE B 133 -23.13 15.41 -37.78
N PHE B 134 -22.28 15.83 -38.70
CA PHE B 134 -21.51 17.06 -38.55
C PHE B 134 -22.37 18.34 -38.53
N LYS B 135 -23.46 18.36 -39.32
CA LYS B 135 -24.36 19.49 -39.29
C LYS B 135 -25.07 19.61 -37.92
N ASP B 136 -25.49 18.48 -37.38
CA ASP B 136 -26.10 18.46 -36.06
C ASP B 136 -25.07 18.96 -35.03
N LEU B 137 -23.83 18.51 -35.19
CA LEU B 137 -22.78 18.88 -34.26
C LEU B 137 -22.65 20.41 -34.24
N LYS B 138 -22.51 21.01 -35.43
CA LYS B 138 -22.37 22.45 -35.58
C LYS B 138 -23.60 23.21 -35.08
N SER B 139 -24.77 22.60 -35.19
CA SER B 139 -25.98 23.24 -34.72
C SER B 139 -26.00 23.42 -33.18
N ARG B 140 -25.11 22.70 -32.47
CA ARG B 140 -25.01 22.84 -31.01
C ARG B 140 -24.04 23.93 -30.60
N GLY B 141 -23.48 24.66 -31.57
CA GLY B 141 -22.42 25.61 -31.30
C GLY B 141 -21.07 24.97 -31.00
N LEU B 142 -20.87 23.74 -31.45
CA LEU B 142 -19.56 23.09 -31.27
C LEU B 142 -18.59 23.45 -32.41
N TYR B 143 -17.42 23.97 -32.06
CA TYR B 143 -16.33 24.20 -33.00
C TYR B 143 -15.81 22.82 -33.39
N PHE B 144 -15.45 22.64 -34.66
CA PHE B 144 -15.23 21.28 -35.20
C PHE B 144 -13.82 21.07 -35.71
N ILE B 145 -13.08 20.21 -35.01
CA ILE B 145 -11.81 19.73 -35.53
C ILE B 145 -12.06 18.37 -36.21
N LEU B 146 -11.95 18.34 -37.55
CA LEU B 146 -12.06 17.06 -38.27
C LEU B 146 -10.73 16.41 -38.46
N ASN B 147 -10.59 15.19 -37.96
CA ASN B 147 -9.37 14.40 -38.11
C ASN B 147 -9.60 13.34 -39.20
N MET B 148 -8.61 13.05 -40.03
CA MET B 148 -8.84 12.19 -41.23
C MET B 148 -8.69 10.69 -40.91
N TYR B 149 -7.91 10.37 -39.86
CA TYR B 149 -7.45 9.00 -39.60
C TYR B 149 -7.19 8.74 -38.09
N HIS B 150 -7.76 7.66 -37.56
CA HIS B 150 -7.58 7.29 -36.15
C HIS B 150 -7.54 5.77 -36.10
N TRP B 151 -6.67 5.23 -36.97
CA TRP B 151 -6.03 3.88 -36.92
C TRP B 151 -6.50 2.82 -37.93
N PRO B 152 -7.77 2.46 -37.96
CA PRO B 152 -8.24 1.49 -38.99
C PRO B 152 -8.04 2.00 -40.43
N LEU B 153 -7.55 1.10 -41.28
CA LEU B 153 -7.33 1.31 -42.73
C LEU B 153 -8.33 0.42 -43.46
N PRO B 154 -8.77 0.82 -44.65
CA PRO B 154 -9.59 -0.09 -45.45
C PRO B 154 -8.82 -1.41 -45.66
N LEU B 155 -9.56 -2.51 -45.55
CA LEU B 155 -8.97 -3.82 -45.78
C LEU B 155 -8.23 -3.95 -47.12
N TRP B 156 -8.67 -3.20 -48.12
CA TRP B 156 -8.10 -3.30 -49.46
C TRP B 156 -6.72 -2.64 -49.47
N LEU B 157 -6.41 -1.93 -48.38
CA LEU B 157 -5.08 -1.35 -48.19
C LEU B 157 -4.20 -2.10 -47.17
N HIS B 158 -4.82 -2.92 -46.33
CA HIS B 158 -4.09 -3.68 -45.30
C HIS B 158 -4.85 -4.90 -44.88
N ASP B 159 -4.32 -6.07 -45.19
CA ASP B 159 -4.81 -7.30 -44.59
C ASP B 159 -3.81 -7.66 -43.49
N PRO B 160 -4.19 -7.37 -42.23
CA PRO B 160 -3.24 -7.49 -41.12
C PRO B 160 -2.95 -8.93 -40.75
N ILE B 161 -3.84 -9.88 -41.08
CA ILE B 161 -3.58 -11.28 -40.72
C ILE B 161 -2.49 -11.88 -41.58
N ARG B 162 -2.57 -11.58 -42.87
CA ARG B 162 -1.53 -11.96 -43.82
C ARG B 162 -0.16 -11.46 -43.33
N VAL B 163 -0.10 -10.19 -42.95
CA VAL B 163 1.18 -9.61 -42.52
C VAL B 163 1.62 -10.21 -41.20
N ARG B 164 0.69 -10.42 -40.27
CA ARG B 164 1.02 -11.12 -39.01
C ARG B 164 1.70 -12.47 -39.28
N ARG B 165 1.25 -13.15 -40.32
CA ARG B 165 1.79 -14.45 -40.70
C ARG B 165 3.11 -14.35 -41.46
N GLY B 166 3.57 -13.14 -41.72
CA GLY B 166 4.88 -12.97 -42.34
C GLY B 166 4.81 -13.04 -43.88
N ASP B 167 3.61 -12.84 -44.41
CA ASP B 167 3.36 -12.81 -45.85
C ASP B 167 3.20 -11.36 -46.29
N PHE B 168 4.20 -10.85 -47.01
CA PHE B 168 4.22 -9.46 -47.46
C PHE B 168 3.78 -9.24 -48.91
N THR B 169 3.10 -10.23 -49.48
CA THR B 169 2.68 -10.09 -50.88
C THR B 169 1.32 -9.42 -51.08
N GLY B 170 0.56 -9.24 -50.00
CA GLY B 170 -0.76 -8.65 -50.08
C GLY B 170 -0.74 -7.17 -49.69
N PRO B 171 -1.90 -6.58 -49.44
CA PRO B 171 -2.00 -5.18 -49.03
C PRO B 171 -1.34 -4.99 -47.66
N SER B 172 -0.35 -4.12 -47.62
CA SER B 172 0.58 -4.07 -46.52
C SER B 172 0.49 -2.86 -45.59
N GLY B 173 -0.56 -2.06 -45.74
CA GLY B 173 -0.80 -0.92 -44.87
C GLY B 173 0.30 0.13 -44.93
N TRP B 174 0.77 0.60 -43.76
CA TRP B 174 1.80 1.65 -43.78
C TRP B 174 3.15 1.20 -44.31
N LEU B 175 3.29 -0.10 -44.61
CA LEU B 175 4.53 -0.59 -45.24
C LEU B 175 4.57 -0.28 -46.75
N SER B 176 3.47 0.21 -47.29
CA SER B 176 3.42 0.48 -48.74
C SER B 176 3.18 1.96 -49.06
N THR B 177 3.97 2.49 -50.00
CA THR B 177 3.72 3.87 -50.47
C THR B 177 2.37 4.04 -51.16
N ARG B 178 1.75 2.94 -51.58
CA ARG B 178 0.40 3.03 -52.12
C ARG B 178 -0.55 3.63 -51.07
N THR B 179 -0.40 3.19 -49.81
CA THR B 179 -1.22 3.73 -48.73
C THR B 179 -0.92 5.23 -48.55
N VAL B 180 0.32 5.62 -48.73
CA VAL B 180 0.70 7.03 -48.58
C VAL B 180 0.00 7.84 -49.67
N TYR B 181 0.08 7.32 -50.88
CA TYR B 181 -0.49 7.96 -52.04
C TYR B 181 -2.00 8.08 -51.84
N GLU B 182 -2.67 6.98 -51.49
CA GLU B 182 -4.13 6.99 -51.32
C GLU B 182 -4.60 7.86 -50.13
N PHE B 183 -3.83 7.85 -49.04
CA PHE B 183 -4.19 8.70 -47.90
C PHE B 183 -4.24 10.20 -48.26
N ALA B 184 -3.22 10.67 -48.97
CA ALA B 184 -3.22 12.04 -49.52
C ALA B 184 -4.47 12.35 -50.32
N ARG B 185 -4.83 11.48 -51.27
CA ARG B 185 -6.03 11.72 -52.08
C ARG B 185 -7.26 11.72 -51.21
N PHE B 186 -7.31 10.78 -50.25
CA PHE B 186 -8.47 10.66 -49.36
C PHE B 186 -8.69 11.92 -48.52
N SER B 187 -7.61 12.45 -47.96
CA SER B 187 -7.67 13.65 -47.11
C SER B 187 -8.12 14.87 -47.92
N ALA B 188 -7.48 15.09 -49.07
CA ALA B 188 -7.91 16.17 -49.99
C ALA B 188 -9.40 16.02 -50.27
N TYR B 189 -9.83 14.78 -50.58
CA TYR B 189 -11.23 14.50 -50.90
C TYR B 189 -12.20 14.88 -49.78
N ILE B 190 -11.87 14.49 -48.54
CA ILE B 190 -12.76 14.76 -47.41
C ILE B 190 -12.86 16.26 -47.16
N ALA B 191 -11.73 16.95 -47.24
CA ALA B 191 -11.69 18.41 -47.13
C ALA B 191 -12.57 19.08 -48.21
N TRP B 192 -12.42 18.60 -49.44
CA TRP B 192 -13.20 19.08 -50.59
C TRP B 192 -14.68 18.95 -50.29
N LYS B 193 -15.11 17.81 -49.74
CA LYS B 193 -16.52 17.58 -49.48
C LYS B 193 -17.06 18.28 -48.21
N PHE B 194 -16.22 18.43 -47.18
CA PHE B 194 -16.74 18.88 -45.87
C PHE B 194 -16.28 20.26 -45.36
N ASP B 195 -15.44 20.95 -46.14
CA ASP B 195 -14.81 22.19 -45.70
C ASP B 195 -15.75 23.24 -45.15
N ASP B 196 -17.00 23.26 -45.62
CA ASP B 196 -17.99 24.19 -45.12
C ASP B 196 -18.37 23.91 -43.68
N LEU B 197 -18.12 22.68 -43.21
CA LEU B 197 -18.53 22.27 -41.87
C LEU B 197 -17.36 22.31 -40.88
N VAL B 198 -16.14 22.28 -41.40
CA VAL B 198 -14.96 22.12 -40.58
C VAL B 198 -14.36 23.46 -40.16
N ASP B 199 -13.87 23.54 -38.91
CA ASP B 199 -13.15 24.71 -38.44
C ASP B 199 -11.65 24.51 -38.54
N GLU B 200 -11.16 23.37 -38.06
CA GLU B 200 -9.75 23.02 -38.24
C GLU B 200 -9.61 21.54 -38.59
N TYR B 201 -8.48 21.16 -39.20
CA TYR B 201 -8.24 19.77 -39.60
C TYR B 201 -7.08 19.18 -38.81
N SER B 202 -7.14 17.87 -38.54
CA SER B 202 -5.96 17.11 -38.21
C SER B 202 -5.81 16.02 -39.27
N THR B 203 -4.60 15.71 -39.70
CA THR B 203 -4.41 14.63 -40.68
C THR B 203 -4.62 13.26 -40.03
N MET B 204 -3.99 13.04 -38.86
CA MET B 204 -4.03 11.76 -38.16
C MET B 204 -3.94 11.86 -36.62
N ASN B 205 -4.36 10.78 -35.99
CA ASN B 205 -4.26 10.59 -34.55
C ASN B 205 -3.15 9.61 -34.21
N GLU B 206 -2.13 10.08 -33.48
CA GLU B 206 -1.06 9.20 -32.95
C GLU B 206 -0.42 8.21 -33.90
N PRO B 207 0.24 8.68 -34.96
CA PRO B 207 0.97 7.81 -35.86
C PRO B 207 2.04 6.98 -35.13
N ASN B 208 2.63 7.55 -34.07
CA ASN B 208 3.68 6.83 -33.34
C ASN B 208 3.16 5.56 -32.66
N VAL B 209 1.89 5.56 -32.26
CA VAL B 209 1.27 4.37 -31.70
C VAL B 209 1.02 3.33 -32.79
N VAL B 210 0.52 3.78 -33.96
CA VAL B 210 0.27 2.87 -35.08
C VAL B 210 1.56 2.11 -35.42
N GLY B 211 2.65 2.85 -35.64
CA GLY B 211 3.92 2.21 -35.94
C GLY B 211 4.55 1.46 -34.77
N GLY B 212 4.51 2.06 -33.58
CA GLY B 212 5.14 1.47 -32.40
C GLY B 212 4.49 0.18 -31.89
N LEU B 213 3.18 0.20 -31.68
CA LEU B 213 2.50 -1.03 -31.19
C LEU B 213 2.30 -2.03 -32.34
N GLY B 214 2.13 -1.55 -33.58
CA GLY B 214 1.96 -2.45 -34.73
C GLY B 214 3.14 -3.36 -35.00
N TYR B 215 4.36 -2.88 -34.76
CA TYR B 215 5.57 -3.57 -35.23
C TYR B 215 6.62 -3.78 -34.14
N VAL B 216 6.38 -3.24 -32.94
CA VAL B 216 7.34 -3.49 -31.83
C VAL B 216 6.61 -3.98 -30.55
N GLY B 217 5.67 -3.20 -30.03
CA GLY B 217 4.94 -3.59 -28.83
C GLY B 217 3.84 -4.59 -29.15
N VAL B 218 4.23 -5.76 -29.64
CA VAL B 218 3.30 -6.74 -30.20
C VAL B 218 2.39 -7.43 -29.16
N LYS B 219 2.78 -7.40 -27.89
CA LYS B 219 1.86 -7.90 -26.87
C LYS B 219 0.62 -7.02 -26.70
N SER B 220 0.66 -5.80 -27.23
CA SER B 220 -0.50 -4.93 -27.14
C SER B 220 -1.69 -5.38 -28.00
N GLY B 221 -1.47 -6.29 -28.92
CA GLY B 221 -2.54 -6.77 -29.80
C GLY B 221 -3.03 -5.76 -30.81
N PHE B 222 -2.10 -4.96 -31.36
CA PHE B 222 -2.41 -3.98 -32.40
C PHE B 222 -1.96 -4.55 -33.75
N PRO B 223 -2.70 -4.29 -34.82
CA PRO B 223 -2.37 -4.89 -36.12
C PRO B 223 -1.19 -4.16 -36.80
N PRO B 224 -0.38 -4.86 -37.59
CA PRO B 224 -0.50 -6.30 -37.88
C PRO B 224 0.19 -7.19 -36.89
N GLY B 225 0.79 -6.63 -35.83
CA GLY B 225 1.45 -7.44 -34.81
C GLY B 225 2.58 -8.26 -35.33
N TYR B 226 3.38 -7.67 -36.21
CA TYR B 226 4.56 -8.31 -36.79
C TYR B 226 5.76 -7.62 -36.18
N LEU B 227 6.58 -8.39 -35.46
CA LEU B 227 7.68 -7.83 -34.67
C LEU B 227 8.91 -7.54 -35.54
N SER B 228 9.21 -6.27 -35.74
CA SER B 228 10.33 -5.84 -36.61
C SER B 228 10.72 -4.41 -36.38
N PHE B 229 11.89 -4.19 -35.82
CA PHE B 229 12.41 -2.82 -35.71
C PHE B 229 12.44 -2.17 -37.09
N GLU B 230 13.01 -2.87 -38.06
CA GLU B 230 13.15 -2.33 -39.43
C GLU B 230 11.80 -1.98 -40.05
N LEU B 231 10.79 -2.84 -39.88
CA LEU B 231 9.49 -2.49 -40.46
C LEU B 231 8.77 -1.39 -39.70
N SER B 232 9.02 -1.29 -38.39
CA SER B 232 8.50 -0.16 -37.64
C SER B 232 9.05 1.14 -38.21
N ARG B 233 10.35 1.17 -38.50
CA ARG B 233 11.00 2.36 -39.09
C ARG B 233 10.39 2.72 -40.44
N ARG B 234 10.23 1.70 -41.28
CA ARG B 234 9.59 1.87 -42.60
C ARG B 234 8.18 2.43 -42.45
N ALA B 235 7.37 1.86 -41.55
CA ALA B 235 6.03 2.40 -41.41
C ALA B 235 6.04 3.84 -40.91
N MET B 236 6.94 4.18 -39.99
CA MET B 236 6.97 5.56 -39.48
C MET B 236 7.38 6.53 -40.58
N TYR B 237 8.35 6.13 -41.39
CA TYR B 237 8.81 6.93 -42.53
C TYR B 237 7.63 7.22 -43.50
N ASN B 238 6.88 6.19 -43.82
CA ASN B 238 5.70 6.36 -44.70
C ASN B 238 4.59 7.20 -44.11
N ILE B 239 4.30 7.00 -42.83
CA ILE B 239 3.25 7.78 -42.19
C ILE B 239 3.62 9.27 -42.10
N ILE B 240 4.91 9.55 -41.90
CA ILE B 240 5.41 10.94 -41.93
C ILE B 240 5.15 11.58 -43.32
N GLN B 241 5.56 10.91 -44.38
CA GLN B 241 5.33 11.46 -45.71
C GLN B 241 3.85 11.51 -46.09
N ALA B 242 3.08 10.55 -45.58
CA ALA B 242 1.63 10.60 -45.73
C ALA B 242 1.05 11.84 -45.08
N HIS B 243 1.58 12.21 -43.91
CA HIS B 243 1.05 13.39 -43.24
C HIS B 243 1.30 14.63 -44.11
N ALA B 244 2.53 14.77 -44.58
CA ALA B 244 2.96 15.91 -45.42
C ALA B 244 2.12 16.00 -46.70
N ARG B 245 1.94 14.87 -47.36
CA ARG B 245 1.16 14.81 -48.59
C ARG B 245 -0.32 15.09 -48.30
N ALA B 246 -0.83 14.62 -47.15
CA ALA B 246 -2.20 14.98 -46.78
C ALA B 246 -2.32 16.48 -46.46
N TYR B 247 -1.32 17.06 -45.83
CA TYR B 247 -1.38 18.52 -45.57
C TYR B 247 -1.47 19.31 -46.90
N ASP B 248 -0.59 19.00 -47.85
CA ASP B 248 -0.60 19.67 -49.17
C ASP B 248 -1.93 19.44 -49.90
N GLY B 249 -2.43 18.21 -49.82
CA GLY B 249 -3.71 17.86 -50.39
C GLY B 249 -4.86 18.65 -49.84
N ILE B 250 -4.92 18.79 -48.50
CA ILE B 250 -5.98 19.56 -47.87
C ILE B 250 -5.84 21.06 -48.24
N LYS B 251 -4.61 21.54 -48.22
CA LYS B 251 -4.35 22.95 -48.50
C LYS B 251 -4.71 23.30 -49.96
N SER B 252 -4.66 22.31 -50.86
CA SER B 252 -5.01 22.54 -52.28
C SER B 252 -6.49 22.87 -52.40
N VAL B 253 -7.26 22.56 -51.35
CA VAL B 253 -8.69 22.67 -51.39
C VAL B 253 -9.30 23.55 -50.26
N SER B 254 -8.46 23.90 -49.26
CA SER B 254 -8.95 24.63 -48.09
C SER B 254 -7.92 25.64 -47.57
N LYS B 255 -8.40 26.73 -46.97
CA LYS B 255 -7.51 27.70 -46.32
C LYS B 255 -7.32 27.45 -44.80
N LYS B 256 -8.13 26.53 -44.26
CA LYS B 256 -8.21 26.29 -42.81
C LYS B 256 -6.96 25.64 -42.20
N PRO B 257 -6.77 25.79 -40.88
CA PRO B 257 -5.56 25.25 -40.25
C PRO B 257 -5.52 23.71 -40.29
N VAL B 258 -4.33 23.18 -40.54
CA VAL B 258 -4.11 21.74 -40.64
C VAL B 258 -2.98 21.32 -39.70
N GLY B 259 -3.31 20.47 -38.75
CA GLY B 259 -2.32 20.02 -37.79
C GLY B 259 -2.28 18.50 -37.70
N ILE B 260 -1.72 18.01 -36.60
CA ILE B 260 -1.63 16.56 -36.36
C ILE B 260 -1.75 16.29 -34.84
N ILE B 261 -2.22 15.10 -34.49
CA ILE B 261 -2.40 14.74 -33.09
C ILE B 261 -1.41 13.62 -32.80
N TYR B 262 -0.68 13.74 -31.69
CA TYR B 262 0.41 12.83 -31.38
C TYR B 262 0.33 12.32 -29.94
N ALA B 263 0.76 11.06 -29.71
CA ALA B 263 0.72 10.44 -28.38
C ALA B 263 1.92 10.87 -27.55
N ASN B 264 1.63 11.46 -26.40
CA ASN B 264 2.71 12.02 -25.57
C ASN B 264 2.81 11.39 -24.21
N SER B 265 4.03 11.32 -23.73
CA SER B 265 4.29 11.00 -22.36
C SER B 265 5.25 12.07 -21.80
N SER B 266 5.13 12.38 -20.51
CA SER B 266 6.07 13.33 -19.88
C SER B 266 7.24 12.53 -19.36
N PHE B 267 8.44 12.80 -19.88
CA PHE B 267 9.59 12.02 -19.52
C PHE B 267 10.23 12.62 -18.27
N GLN B 268 10.36 11.79 -17.24
CA GLN B 268 10.78 12.23 -15.92
C GLN B 268 12.01 11.45 -15.48
N PRO B 269 12.96 12.13 -14.82
CA PRO B 269 14.22 11.48 -14.42
C PRO B 269 14.03 10.68 -13.12
N LEU B 270 14.48 9.44 -13.09
CA LEU B 270 14.41 8.66 -11.87
C LEU B 270 15.14 9.39 -10.72
N THR B 271 16.39 9.80 -11.00
CA THR B 271 17.23 10.56 -10.06
C THR B 271 17.71 11.85 -10.71
N ASP B 272 18.30 12.74 -9.91
CA ASP B 272 18.80 13.99 -10.45
C ASP B 272 19.98 13.80 -11.43
N LYS B 273 20.49 12.58 -11.52
CA LYS B 273 21.56 12.21 -12.45
C LYS B 273 21.02 11.68 -13.80
N ASP B 274 19.70 11.83 -14.02
CA ASP B 274 19.05 11.26 -15.23
C ASP B 274 18.45 12.29 -16.18
N MET B 275 18.85 13.54 -16.03
CA MET B 275 18.32 14.60 -16.88
C MET B 275 18.70 14.45 -18.37
N GLU B 276 19.91 13.98 -18.63
CA GLU B 276 20.35 13.66 -19.98
C GLU B 276 19.47 12.57 -20.59
N ALA B 277 19.13 11.58 -19.75
CA ALA B 277 18.30 10.44 -20.17
C ALA B 277 16.95 10.92 -20.65
N VAL B 278 16.40 11.91 -19.96
CA VAL B 278 15.14 12.51 -20.36
C VAL B 278 15.24 13.15 -21.75
N GLU B 279 16.30 13.93 -21.99
CA GLU B 279 16.47 14.63 -23.28
C GLU B 279 16.58 13.64 -24.42
N MET B 280 17.31 12.54 -24.19
CA MET B 280 17.45 11.46 -25.19
C MET B 280 16.12 10.79 -25.51
N ALA B 281 15.31 10.60 -24.46
CA ALA B 281 13.97 10.03 -24.60
C ALA B 281 13.06 10.99 -25.32
N GLU B 282 13.16 12.28 -25.01
CA GLU B 282 12.38 13.30 -25.69
C GLU B 282 12.73 13.37 -27.21
N ASN B 283 14.02 13.27 -27.52
CA ASN B 283 14.52 13.22 -28.89
C ASN B 283 13.92 12.04 -29.63
N ASP B 284 14.08 10.85 -29.04
CA ASP B 284 13.70 9.58 -29.66
C ASP B 284 12.19 9.36 -29.78
N ASN B 285 11.38 10.00 -28.94
CA ASN B 285 9.96 9.73 -28.93
C ASN B 285 9.12 10.88 -29.39
N ARG B 286 9.75 12.03 -29.62
CA ARG B 286 8.97 13.22 -29.89
C ARG B 286 9.61 14.12 -30.92
N TRP B 287 10.83 14.59 -30.62
CA TRP B 287 11.44 15.64 -31.42
C TRP B 287 11.79 15.16 -32.82
N TRP B 288 12.26 13.91 -32.92
CA TRP B 288 12.62 13.35 -34.23
C TRP B 288 11.43 13.44 -35.19
N PHE B 289 10.21 13.20 -34.69
CA PHE B 289 9.00 13.21 -35.52
C PHE B 289 8.65 14.62 -35.93
N PHE B 290 8.56 15.52 -34.95
CA PHE B 290 8.11 16.86 -35.24
C PHE B 290 9.13 17.71 -35.97
N ASP B 291 10.41 17.39 -35.78
CA ASP B 291 11.48 18.00 -36.58
C ASP B 291 11.40 17.57 -38.06
N ALA B 292 10.89 16.37 -38.33
CA ALA B 292 10.68 15.95 -39.70
C ALA B 292 9.59 16.75 -40.39
N ILE B 293 8.42 16.89 -39.75
CA ILE B 293 7.28 17.52 -40.40
C ILE B 293 7.22 19.05 -40.27
N ILE B 294 8.04 19.63 -39.40
CA ILE B 294 8.13 21.09 -39.25
C ILE B 294 9.40 21.62 -39.90
N ARG B 295 10.52 20.93 -39.69
CA ARG B 295 11.81 21.44 -40.13
C ARG B 295 12.35 20.67 -41.31
N GLY B 296 11.64 19.61 -41.68
CA GLY B 296 12.05 18.79 -42.80
C GLY B 296 13.23 17.90 -42.49
N GLU B 297 13.66 17.83 -41.25
CA GLU B 297 14.84 17.01 -40.93
C GLU B 297 14.49 15.55 -40.73
N ILE B 298 15.19 14.66 -41.41
CA ILE B 298 14.87 13.24 -41.32
C ILE B 298 16.06 12.35 -41.67
N THR B 299 15.95 11.08 -41.28
CA THR B 299 16.92 10.03 -41.59
C THR B 299 16.32 9.04 -42.61
N ARG B 300 17.02 8.85 -43.73
CA ARG B 300 16.59 7.93 -44.78
C ARG B 300 17.64 6.85 -44.97
N GLY B 301 17.25 5.59 -44.74
CA GLY B 301 18.23 4.52 -44.67
C GLY B 301 19.17 4.80 -43.52
N ASN B 302 20.37 5.32 -43.84
CA ASN B 302 21.34 5.72 -42.81
C ASN B 302 21.94 7.12 -42.99
N GLU B 303 21.15 8.07 -43.46
CA GLU B 303 21.63 9.47 -43.64
C GLU B 303 20.65 10.57 -43.17
N LYS B 304 21.21 11.68 -42.67
CA LYS B 304 20.44 12.79 -42.07
C LYS B 304 20.32 14.00 -43.02
N ILE B 305 19.12 14.16 -43.58
CA ILE B 305 18.83 15.06 -44.70
C ILE B 305 17.72 16.06 -44.39
N VAL B 306 17.60 17.10 -45.20
CA VAL B 306 16.45 18.00 -45.14
C VAL B 306 15.64 17.78 -46.42
N ARG B 307 14.34 17.52 -46.24
CA ARG B 307 13.44 17.33 -47.37
C ARG B 307 12.54 18.54 -47.49
N ASP B 308 12.69 19.29 -48.58
CA ASP B 308 11.85 20.47 -48.79
C ASP B 308 10.38 20.14 -48.89
N ASP B 309 10.08 18.90 -49.23
CA ASP B 309 8.69 18.49 -49.37
C ASP B 309 8.02 18.18 -48.00
N LEU B 310 8.86 17.98 -46.96
CA LEU B 310 8.39 17.79 -45.57
C LEU B 310 8.34 19.07 -44.73
N LYS B 311 9.27 20.00 -45.01
CA LYS B 311 9.44 21.23 -44.23
C LYS B 311 8.18 22.07 -44.17
N GLY B 312 7.80 22.50 -42.96
CA GLY B 312 6.69 23.42 -42.74
C GLY B 312 5.28 22.88 -42.91
N ARG B 313 5.12 21.58 -42.88
CA ARG B 313 3.78 21.00 -43.08
C ARG B 313 2.98 20.82 -41.77
N LEU B 314 2.77 21.92 -41.05
CA LEU B 314 2.05 21.90 -39.76
C LEU B 314 1.67 23.29 -39.27
N ASP B 315 0.39 23.47 -38.96
CA ASP B 315 -0.13 24.73 -38.45
C ASP B 315 -0.35 24.68 -36.95
N TRP B 316 -0.60 23.49 -36.40
CA TRP B 316 -0.86 23.31 -34.96
C TRP B 316 -0.58 21.89 -34.48
N ILE B 317 -0.42 21.73 -33.16
CA ILE B 317 -0.08 20.45 -32.57
C ILE B 317 -1.18 20.01 -31.61
N GLY B 318 -1.66 18.78 -31.81
CA GLY B 318 -2.63 18.18 -30.93
C GLY B 318 -1.90 17.38 -29.88
N VAL B 319 -2.05 17.80 -28.62
CA VAL B 319 -1.32 17.15 -27.54
C VAL B 319 -2.22 16.14 -26.85
N ASN B 320 -1.92 14.86 -27.01
CA ASN B 320 -2.65 13.81 -26.29
C ASN B 320 -1.76 13.48 -25.12
N TYR B 321 -2.32 13.37 -23.93
CA TYR B 321 -1.51 13.14 -22.74
C TYR B 321 -2.30 12.38 -21.71
N TYR B 322 -1.72 11.30 -21.19
CA TYR B 322 -2.36 10.53 -20.12
C TYR B 322 -1.49 10.39 -18.83
N THR B 323 -0.19 10.22 -18.96
CA THR B 323 0.69 9.91 -17.80
C THR B 323 2.15 10.14 -18.17
N ARG B 324 3.05 9.89 -17.21
CA ARG B 324 4.48 10.07 -17.45
C ARG B 324 5.19 8.80 -17.81
N THR B 325 6.46 8.94 -18.20
CA THR B 325 7.38 7.84 -18.27
C THR B 325 8.63 8.22 -17.46
N VAL B 326 9.03 7.31 -16.58
CA VAL B 326 10.23 7.51 -15.76
C VAL B 326 11.38 6.80 -16.44
N VAL B 327 12.45 7.56 -16.67
CA VAL B 327 13.62 7.02 -17.35
C VAL B 327 14.90 7.10 -16.50
N LYS B 328 15.84 6.21 -16.77
CA LYS B 328 17.14 6.27 -16.11
C LYS B 328 18.26 6.09 -17.12
N ARG B 329 19.42 6.69 -16.81
CA ARG B 329 20.57 6.68 -17.70
C ARG B 329 21.19 5.29 -17.68
N THR B 330 21.63 4.83 -18.84
CA THR B 330 22.25 3.52 -18.97
C THR B 330 23.61 3.70 -19.65
N GLU B 331 24.52 2.74 -19.40
CA GLU B 331 25.79 2.62 -20.12
C GLU B 331 25.61 2.93 -21.60
N LYS B 332 24.77 2.13 -22.27
CA LYS B 332 24.50 2.29 -23.70
C LYS B 332 23.47 3.37 -24.10
N GLY B 333 22.77 3.97 -23.13
CA GLY B 333 21.81 5.04 -23.40
C GLY B 333 20.81 5.37 -22.29
N TYR B 334 19.55 4.97 -22.47
CA TYR B 334 18.50 5.18 -21.45
C TYR B 334 17.50 4.02 -21.46
N VAL B 335 16.81 3.83 -20.33
CA VAL B 335 15.71 2.85 -20.25
C VAL B 335 14.56 3.46 -19.46
N SER B 336 13.34 3.04 -19.79
CA SER B 336 12.17 3.45 -19.03
C SER B 336 11.86 2.38 -18.01
N LEU B 337 11.23 2.79 -16.91
CA LEU B 337 11.09 1.93 -15.75
C LEU B 337 9.67 1.43 -15.57
N GLY B 338 9.53 0.13 -15.31
CA GLY B 338 8.27 -0.45 -14.89
C GLY B 338 7.85 0.11 -13.54
N GLY B 339 6.54 0.07 -13.25
CA GLY B 339 6.07 0.54 -11.96
C GLY B 339 5.80 2.04 -11.86
N TYR B 340 5.94 2.77 -12.97
CA TYR B 340 5.55 4.17 -13.06
C TYR B 340 4.76 4.32 -14.38
N GLY B 341 4.10 5.47 -14.56
CA GLY B 341 3.50 5.77 -15.85
C GLY B 341 2.48 4.75 -16.29
N HIS B 342 2.57 4.26 -17.53
CA HIS B 342 1.54 3.34 -18.03
C HIS B 342 1.85 1.90 -17.67
N GLY B 343 2.95 1.69 -16.96
CA GLY B 343 3.42 0.35 -16.66
C GLY B 343 3.20 -0.04 -15.20
N CYS B 344 2.03 0.28 -14.65
CA CYS B 344 1.71 -0.05 -13.26
C CYS B 344 0.65 -1.14 -13.19
N GLU B 345 0.48 -1.72 -12.00
CA GLU B 345 -0.64 -2.59 -11.74
C GLU B 345 -1.96 -1.80 -11.79
N ARG B 346 -3.02 -2.44 -12.27
CA ARG B 346 -4.34 -1.81 -12.34
C ARG B 346 -4.92 -1.64 -10.94
N ASN B 347 -5.58 -0.50 -10.75
CA ASN B 347 -6.26 -0.18 -9.49
C ASN B 347 -5.34 -0.40 -8.32
N SER B 348 -4.21 0.29 -8.36
CA SER B 348 -3.22 0.10 -7.32
C SER B 348 -2.53 1.44 -7.10
N VAL B 349 -1.25 1.35 -6.78
CA VAL B 349 -0.41 2.50 -6.54
C VAL B 349 0.91 2.25 -7.31
N SER B 350 1.52 3.32 -7.82
CA SER B 350 2.81 3.18 -8.48
C SER B 350 3.93 3.04 -7.46
N LEU B 351 5.14 2.83 -7.97
CA LEU B 351 6.33 2.85 -7.12
C LEU B 351 6.49 4.19 -6.40
N ALA B 352 5.92 5.27 -6.92
CA ALA B 352 5.93 6.55 -6.23
C ALA B 352 4.73 6.79 -5.29
N GLY B 353 3.90 5.78 -5.08
CA GLY B 353 2.75 5.93 -4.20
C GLY B 353 1.60 6.72 -4.79
N LEU B 354 1.61 6.92 -6.12
CA LEU B 354 0.50 7.60 -6.80
C LEU B 354 -0.56 6.62 -7.31
N PRO B 355 -1.86 6.96 -7.21
CA PRO B 355 -2.91 6.01 -7.57
C PRO B 355 -2.90 5.65 -9.06
N THR B 356 -3.22 4.40 -9.37
CA THR B 356 -3.29 4.00 -10.78
C THR B 356 -4.73 3.77 -11.22
N SER B 357 -4.97 3.87 -12.54
CA SER B 357 -6.31 3.78 -13.07
C SER B 357 -6.74 2.32 -13.28
N ASP B 358 -7.95 2.13 -13.79
CA ASP B 358 -8.42 0.81 -14.23
C ASP B 358 -7.49 0.15 -15.25
N PHE B 359 -6.65 0.96 -15.90
CA PHE B 359 -5.75 0.55 -16.97
C PHE B 359 -4.32 0.43 -16.43
N GLY B 360 -4.11 0.77 -15.15
CA GLY B 360 -2.77 0.71 -14.58
C GLY B 360 -1.90 1.89 -14.95
N TRP B 361 -2.52 3.06 -15.16
CA TRP B 361 -1.78 4.27 -15.55
C TRP B 361 -1.73 5.23 -14.36
N GLU B 362 -0.54 5.74 -14.09
CA GLU B 362 -0.22 6.55 -12.91
C GLU B 362 -0.73 7.98 -13.00
N PHE B 363 -1.22 8.50 -11.88
CA PHE B 363 -1.79 9.84 -11.81
C PHE B 363 -0.63 10.82 -11.76
N PHE B 364 -0.48 11.62 -12.84
CA PHE B 364 0.65 12.56 -12.92
C PHE B 364 0.34 13.81 -13.73
N PRO B 365 -0.55 14.65 -13.23
CA PRO B 365 -1.00 15.79 -14.05
C PRO B 365 0.11 16.79 -14.37
N GLU B 366 1.15 16.83 -13.55
CA GLU B 366 2.24 17.77 -13.75
C GLU B 366 2.86 17.56 -15.14
N GLY B 367 2.84 16.32 -15.61
CA GLY B 367 3.40 16.01 -16.91
C GLY B 367 2.78 16.75 -18.09
N LEU B 368 1.52 17.12 -17.96
CA LEU B 368 0.83 17.89 -19.01
C LEU B 368 1.44 19.29 -19.13
N TYR B 369 1.75 19.89 -17.97
CA TYR B 369 2.46 21.18 -17.99
C TYR B 369 3.80 21.02 -18.71
N ASP B 370 4.58 20.01 -18.33
CA ASP B 370 5.86 19.72 -18.96
C ASP B 370 5.72 19.61 -20.50
N VAL B 371 4.77 18.79 -20.95
CA VAL B 371 4.62 18.53 -22.40
C VAL B 371 4.23 19.79 -23.19
N LEU B 372 3.20 20.50 -22.72
CA LEU B 372 2.74 21.72 -23.37
C LEU B 372 3.85 22.79 -23.50
N THR B 373 4.62 23.01 -22.41
CA THR B 373 5.58 24.11 -22.42
C THR B 373 6.76 23.73 -23.25
N LYS B 374 7.15 22.46 -23.21
CA LYS B 374 8.22 22.00 -24.07
C LYS B 374 7.94 22.13 -25.59
N TYR B 375 6.74 21.75 -26.02
CA TYR B 375 6.34 21.93 -27.41
C TYR B 375 6.39 23.41 -27.73
N TRP B 376 5.80 24.22 -26.85
CA TRP B 376 5.68 25.65 -27.09
C TRP B 376 7.05 26.25 -27.32
N ASN B 377 7.96 25.95 -26.42
CA ASN B 377 9.29 26.52 -26.48
C ASN B 377 10.10 26.07 -27.70
N ARG B 378 9.82 24.86 -28.19
CA ARG B 378 10.58 24.37 -29.33
C ARG B 378 10.09 24.96 -30.66
N TYR B 379 8.78 25.04 -30.85
CA TYR B 379 8.19 25.26 -32.16
C TYR B 379 7.31 26.48 -32.23
N HIS B 380 6.86 26.95 -31.08
CA HIS B 380 5.96 28.09 -31.05
C HIS B 380 4.74 27.96 -31.97
N LEU B 381 4.21 26.74 -32.09
CA LEU B 381 2.92 26.51 -32.73
C LEU B 381 1.83 26.36 -31.69
N TYR B 382 0.67 26.96 -31.93
CA TYR B 382 -0.43 26.80 -30.98
C TYR B 382 -0.91 25.33 -30.87
N MET B 383 -1.50 25.00 -29.72
CA MET B 383 -1.89 23.62 -29.38
C MET B 383 -3.30 23.56 -28.86
N TYR B 384 -3.88 22.37 -28.99
CA TYR B 384 -5.08 22.01 -28.29
C TYR B 384 -4.66 20.78 -27.52
N VAL B 385 -5.21 20.59 -26.32
CA VAL B 385 -5.04 19.30 -25.65
C VAL B 385 -6.13 18.44 -26.27
N THR B 386 -5.75 17.52 -27.14
CA THR B 386 -6.73 16.78 -27.93
C THR B 386 -7.22 15.50 -27.28
N GLU B 387 -6.45 14.98 -26.32
CA GLU B 387 -6.94 13.90 -25.46
C GLU B 387 -6.32 14.03 -24.07
N ASN B 388 -7.16 13.76 -23.07
CA ASN B 388 -6.72 13.59 -21.67
C ASN B 388 -7.87 12.93 -20.95
N GLY B 389 -7.61 11.83 -20.25
CA GLY B 389 -8.71 11.20 -19.53
C GLY B 389 -8.25 9.95 -18.81
N ILE B 390 -9.19 9.18 -18.27
CA ILE B 390 -8.83 8.07 -17.41
C ILE B 390 -9.82 6.92 -17.48
N ALA B 391 -9.33 5.70 -17.44
CA ALA B 391 -10.18 4.49 -17.38
C ALA B 391 -10.67 4.34 -15.93
N ASP B 392 -11.96 4.52 -15.71
CA ASP B 392 -12.48 4.62 -14.35
C ASP B 392 -13.99 4.47 -14.40
N ASP B 393 -14.47 3.22 -14.37
CA ASP B 393 -15.89 2.93 -14.45
C ASP B 393 -16.61 3.51 -13.24
N ALA B 394 -15.97 3.40 -12.07
CA ALA B 394 -16.60 3.78 -10.81
C ALA B 394 -16.66 5.31 -10.63
N ASP B 395 -15.85 6.05 -11.38
CA ASP B 395 -15.73 7.52 -11.26
C ASP B 395 -15.05 7.97 -9.96
N TYR B 396 -14.27 7.09 -9.32
CA TYR B 396 -13.58 7.47 -8.07
C TYR B 396 -12.52 8.57 -8.28
N GLN B 397 -11.69 8.38 -9.31
CA GLN B 397 -10.54 9.24 -9.55
C GLN B 397 -10.78 10.36 -10.58
N ARG B 398 -11.68 10.12 -11.53
CA ARG B 398 -11.87 11.08 -12.61
C ARG B 398 -12.13 12.54 -12.16
N PRO B 399 -12.96 12.82 -11.15
CA PRO B 399 -13.14 14.22 -10.72
C PRO B 399 -11.81 14.90 -10.41
N TYR B 400 -10.89 14.21 -9.73
CA TYR B 400 -9.55 14.72 -9.44
C TYR B 400 -8.72 14.81 -10.71
N TYR B 401 -8.80 13.77 -11.54
CA TYR B 401 -7.99 13.69 -12.76
C TYR B 401 -8.32 14.87 -13.68
N LEU B 402 -9.62 15.08 -13.87
CA LEU B 402 -10.10 16.16 -14.71
C LEU B 402 -9.69 17.53 -14.18
N VAL B 403 -10.01 17.82 -12.91
CA VAL B 403 -9.71 19.15 -12.41
C VAL B 403 -8.22 19.42 -12.43
N SER B 404 -7.42 18.44 -12.01
CA SER B 404 -5.97 18.63 -11.92
C SER B 404 -5.30 18.90 -13.26
N HIS B 405 -5.70 18.14 -14.29
CA HIS B 405 -5.12 18.33 -15.62
C HIS B 405 -5.58 19.64 -16.22
N VAL B 406 -6.84 20.02 -16.00
CA VAL B 406 -7.34 21.30 -16.50
C VAL B 406 -6.55 22.45 -15.86
N TYR B 407 -6.31 22.32 -14.56
CA TYR B 407 -5.43 23.30 -13.87
C TYR B 407 -4.05 23.41 -14.52
N GLN B 408 -3.47 22.28 -14.92
CA GLN B 408 -2.16 22.29 -15.55
C GLN B 408 -2.14 23.01 -16.92
N VAL B 409 -3.28 23.04 -17.59
CA VAL B 409 -3.37 23.75 -18.87
C VAL B 409 -3.44 25.23 -18.54
N HIS B 410 -4.17 25.60 -17.49
CA HIS B 410 -4.22 27.00 -17.04
C HIS B 410 -2.80 27.47 -16.71
N ARG B 411 -2.04 26.59 -16.08
CA ARG B 411 -0.66 26.89 -15.72
C ARG B 411 0.21 27.10 -16.97
N ALA B 412 0.11 26.18 -17.94
CA ALA B 412 0.82 26.34 -19.22
C ALA B 412 0.49 27.68 -19.94
N ILE B 413 -0.78 28.05 -20.03
CA ILE B 413 -1.15 29.31 -20.65
C ILE B 413 -0.49 30.46 -19.89
N ASN B 414 -0.67 30.45 -18.58
CA ASN B 414 0.00 31.40 -17.70
C ASN B 414 1.48 31.58 -17.99
N SER B 415 2.17 30.49 -18.34
CA SER B 415 3.58 30.57 -18.68
C SER B 415 3.86 31.11 -20.09
N GLY B 416 2.80 31.49 -20.83
CA GLY B 416 2.98 31.97 -22.19
C GLY B 416 2.58 31.06 -23.36
N ALA B 417 2.31 29.78 -23.09
CA ALA B 417 1.97 28.79 -24.13
C ALA B 417 0.63 29.06 -24.77
N ASP B 418 0.56 29.00 -26.11
CA ASP B 418 -0.70 29.23 -26.79
C ASP B 418 -1.51 27.92 -26.88
N VAL B 419 -2.39 27.70 -25.91
CA VAL B 419 -3.19 26.48 -25.85
C VAL B 419 -4.62 26.95 -25.98
N ARG B 420 -5.35 26.41 -26.95
CA ARG B 420 -6.66 26.99 -27.30
C ARG B 420 -7.83 26.15 -26.91
N GLY B 421 -7.57 24.97 -26.36
CA GLY B 421 -8.67 24.15 -25.92
C GLY B 421 -8.25 22.91 -25.18
N TYR B 422 -9.23 22.31 -24.52
CA TYR B 422 -9.00 21.06 -23.80
C TYR B 422 -10.15 20.13 -24.15
N LEU B 423 -9.80 18.96 -24.69
CA LEU B 423 -10.79 17.99 -25.15
C LEU B 423 -10.58 16.70 -24.37
N HIS B 424 -11.54 16.36 -23.54
CA HIS B 424 -11.44 15.19 -22.66
C HIS B 424 -11.63 13.94 -23.51
N TRP B 425 -10.87 12.91 -23.21
CA TRP B 425 -11.22 11.58 -23.75
C TRP B 425 -11.93 10.78 -22.67
N SER B 426 -13.22 10.53 -22.79
CA SER B 426 -14.08 10.93 -23.94
C SER B 426 -15.41 11.34 -23.38
N LEU B 427 -16.31 11.81 -24.27
CA LEU B 427 -17.67 12.09 -23.82
C LEU B 427 -18.35 10.87 -23.22
N ALA B 428 -18.28 9.71 -23.91
CA ALA B 428 -18.88 8.49 -23.40
C ALA B 428 -17.89 7.33 -23.52
N ASP B 429 -18.18 6.25 -22.80
CA ASP B 429 -17.42 5.03 -22.87
C ASP B 429 -17.44 4.54 -24.33
N ASN B 430 -16.42 3.78 -24.70
CA ASN B 430 -16.36 3.25 -26.06
C ASN B 430 -15.43 2.02 -26.13
N TYR B 431 -15.21 1.51 -27.35
CA TYR B 431 -14.47 0.25 -27.53
C TYR B 431 -12.97 0.55 -27.43
N GLU B 432 -12.34 0.12 -26.34
CA GLU B 432 -10.91 0.42 -26.14
C GLU B 432 -10.02 -0.60 -26.86
N TRP B 433 -10.05 -0.58 -28.20
CA TRP B 433 -9.11 -1.36 -29.01
C TRP B 433 -9.00 -2.84 -28.58
N ALA B 434 -7.78 -3.33 -28.36
CA ALA B 434 -7.59 -4.75 -28.04
C ALA B 434 -8.14 -5.11 -26.64
N SER B 435 -8.34 -4.09 -25.81
CA SER B 435 -8.88 -4.28 -24.46
C SER B 435 -10.39 -4.42 -24.43
N GLY B 436 -11.09 -4.05 -25.50
CA GLY B 436 -12.53 -4.23 -25.48
C GLY B 436 -13.29 -3.14 -24.70
N PHE B 437 -14.51 -3.47 -24.27
CA PHE B 437 -15.34 -2.48 -23.58
C PHE B 437 -15.01 -2.25 -22.09
N SER B 438 -14.19 -3.09 -21.47
CA SER B 438 -14.04 -3.05 -20.00
C SER B 438 -13.35 -1.76 -19.50
N MET B 439 -12.58 -1.11 -20.37
CA MET B 439 -11.89 0.13 -20.02
C MET B 439 -12.78 1.29 -20.35
N ARG B 440 -13.30 1.99 -19.34
CA ARG B 440 -14.31 3.02 -19.54
C ARG B 440 -13.81 4.42 -19.28
N PHE B 441 -13.69 5.20 -20.36
CA PHE B 441 -13.09 6.53 -20.31
C PHE B 441 -14.12 7.64 -20.32
N GLY B 442 -15.39 7.29 -20.28
CA GLY B 442 -16.40 8.33 -20.48
C GLY B 442 -16.68 9.26 -19.27
N LEU B 443 -16.94 10.52 -19.57
CA LEU B 443 -17.67 11.40 -18.67
C LEU B 443 -19.06 10.81 -18.50
N LEU B 444 -19.58 10.19 -19.57
CA LEU B 444 -20.87 9.51 -19.52
C LEU B 444 -20.67 8.01 -19.56
N LYS B 445 -21.40 7.30 -18.72
CA LYS B 445 -21.33 5.84 -18.69
C LYS B 445 -22.32 5.27 -19.72
N VAL B 446 -21.88 4.23 -20.44
CA VAL B 446 -22.76 3.58 -21.44
C VAL B 446 -23.25 2.25 -20.90
N ASP B 447 -24.56 2.04 -20.94
CA ASP B 447 -25.13 0.71 -20.76
C ASP B 447 -25.12 0.10 -22.17
N TYR B 448 -24.28 -0.90 -22.41
CA TYR B 448 -24.14 -1.44 -23.77
C TYR B 448 -25.33 -2.29 -24.22
N ASN B 449 -26.17 -2.69 -23.27
CA ASN B 449 -27.44 -3.36 -23.59
C ASN B 449 -28.50 -2.43 -24.17
N THR B 450 -28.65 -1.26 -23.59
CA THR B 450 -29.72 -0.36 -24.03
C THR B 450 -29.19 0.81 -24.82
N LYS B 451 -27.87 1.02 -24.79
CA LYS B 451 -27.21 2.20 -25.41
C LYS B 451 -27.52 3.53 -24.69
N ARG B 452 -28.20 3.46 -23.55
CA ARG B 452 -28.42 4.65 -22.68
C ARG B 452 -27.12 5.22 -22.10
N LEU B 453 -27.07 6.55 -22.01
CA LEU B 453 -25.95 7.31 -21.46
C LEU B 453 -26.30 7.87 -20.09
N TYR B 454 -25.37 7.76 -19.14
CA TYR B 454 -25.60 8.25 -17.77
C TYR B 454 -24.50 9.22 -17.40
N TRP B 455 -24.83 10.24 -16.60
CA TRP B 455 -23.84 11.26 -16.23
C TRP B 455 -23.11 10.76 -14.99
N ARG B 456 -21.82 10.49 -15.11
CA ARG B 456 -21.03 10.20 -13.92
C ARG B 456 -20.86 11.54 -13.21
N PRO B 457 -20.65 11.56 -11.90
CA PRO B 457 -20.42 12.87 -11.22
C PRO B 457 -19.33 13.72 -11.87
N SER B 458 -18.27 13.12 -12.44
CA SER B 458 -17.28 13.93 -13.17
C SER B 458 -17.84 14.77 -14.33
N ALA B 459 -18.94 14.32 -14.92
CA ALA B 459 -19.62 15.06 -15.99
C ALA B 459 -20.27 16.32 -15.40
N LEU B 460 -20.85 16.20 -14.22
CA LEU B 460 -21.38 17.40 -13.50
C LEU B 460 -20.26 18.37 -13.16
N VAL B 461 -19.14 17.81 -12.71
CA VAL B 461 -17.94 18.59 -12.46
C VAL B 461 -17.48 19.29 -13.76
N TYR B 462 -17.44 18.54 -14.86
CA TYR B 462 -16.99 19.13 -16.14
C TYR B 462 -17.93 20.22 -16.60
N ARG B 463 -19.20 20.03 -16.35
CA ARG B 463 -20.16 21.05 -16.72
C ARG B 463 -19.93 22.36 -15.96
N GLU B 464 -19.60 22.22 -14.67
CA GLU B 464 -19.23 23.40 -13.90
C GLU B 464 -18.08 24.14 -14.55
N ILE B 465 -17.05 23.41 -14.98
CA ILE B 465 -15.87 24.03 -15.60
C ILE B 465 -16.22 24.72 -16.92
N ALA B 466 -16.94 23.99 -17.79
CA ALA B 466 -17.15 24.47 -19.16
C ALA B 466 -18.10 25.67 -19.19
N THR B 467 -19.22 25.58 -18.48
CA THR B 467 -20.17 26.69 -18.43
C THR B 467 -19.55 27.97 -17.83
N ASN B 468 -18.63 27.83 -16.87
CA ASN B 468 -17.97 29.00 -16.28
C ASN B 468 -16.71 29.43 -16.98
N GLY B 469 -16.14 28.55 -17.80
CA GLY B 469 -14.86 28.84 -18.44
C GLY B 469 -13.77 28.96 -17.40
N ALA B 470 -13.88 28.15 -16.34
CA ALA B 470 -12.97 28.23 -15.20
C ALA B 470 -13.07 27.01 -14.30
N ILE B 471 -12.01 26.72 -13.57
CA ILE B 471 -12.16 25.87 -12.39
C ILE B 471 -12.71 26.83 -11.32
N THR B 472 -13.95 26.63 -10.88
CA THR B 472 -14.55 27.57 -9.95
C THR B 472 -13.98 27.37 -8.52
N ASP B 473 -14.21 28.37 -7.67
CA ASP B 473 -13.75 28.26 -6.29
C ASP B 473 -14.31 27.00 -5.63
N GLU B 474 -15.56 26.68 -5.90
CA GLU B 474 -16.22 25.56 -5.23
C GLU B 474 -15.70 24.16 -5.54
N ILE B 475 -15.00 23.98 -6.69
CA ILE B 475 -14.48 22.64 -7.06
C ILE B 475 -12.95 22.60 -7.09
N GLU B 476 -12.33 23.68 -6.64
CA GLU B 476 -10.89 23.81 -6.66
C GLU B 476 -10.13 22.78 -5.82
N HIS B 477 -10.79 22.18 -4.86
CA HIS B 477 -10.12 21.19 -4.00
C HIS B 477 -9.79 19.91 -4.81
N LEU B 478 -10.46 19.72 -5.96
CA LEU B 478 -10.22 18.54 -6.80
C LEU B 478 -8.91 18.63 -7.55
N ASN B 479 -8.25 19.78 -7.46
CA ASN B 479 -6.92 19.93 -7.99
C ASN B 479 -5.95 19.33 -7.00
N SER B 480 -6.00 17.99 -6.90
CA SER B 480 -5.22 17.26 -5.90
C SER B 480 -5.24 15.79 -6.31
N VAL B 481 -4.41 15.01 -5.62
CA VAL B 481 -4.26 13.58 -5.90
C VAL B 481 -5.42 12.84 -5.22
N PRO B 482 -6.11 11.92 -5.92
CA PRO B 482 -7.14 11.12 -5.24
C PRO B 482 -6.54 10.48 -3.96
N PRO B 483 -7.21 10.58 -2.82
CA PRO B 483 -6.69 9.93 -1.59
C PRO B 483 -6.45 8.43 -1.81
N VAL B 484 -5.24 7.95 -1.49
CA VAL B 484 -4.90 6.52 -1.76
C VAL B 484 -5.37 5.60 -0.63
N LYS B 485 -5.45 6.11 0.58
CA LYS B 485 -5.85 5.25 1.70
C LYS B 485 -7.15 4.43 1.51
N PRO B 486 -8.25 5.02 1.02
CA PRO B 486 -9.47 4.22 0.76
C PRO B 486 -9.43 3.38 -0.53
N LEU B 487 -8.42 3.53 -1.37
CA LEU B 487 -8.34 2.82 -2.66
C LEU B 487 -7.58 1.50 -2.54
N ARG B 488 -7.73 0.61 -3.52
CA ARG B 488 -6.91 -0.60 -3.51
C ARG B 488 -5.43 -0.27 -3.63
N HIS B 489 -4.61 -1.06 -2.92
CA HIS B 489 -3.16 -1.15 -3.14
C HIS B 489 -2.84 -2.56 -3.70
#